data_8OU8
#
_entry.id   8OU8
#
_cell.length_a   85.330
_cell.length_b   108.950
_cell.length_c   113.960
_cell.angle_alpha   90.00
_cell.angle_beta   90.00
_cell.angle_gamma   90.00
#
_symmetry.space_group_name_H-M   'P 21 21 21'
#
loop_
_entity.id
_entity.type
_entity.pdbx_description
1 polymer 'Threonine--tRNA ligase'
2 non-polymer '[(2~{S},4~{S},5~{R})-5-(6-aminopurin-9-yl)-4-oxidanyl-oxolan-2-yl]methoxy-~{N}-[(2~{S},3~{S})-2-azanyl-3-oxidanyl-butanoyl]phosphonamidic acid'
3 non-polymer 'DIMETHYL SULFOXIDE'
4 non-polymer 'ZINC ION'
5 non-polymer 1,2-ETHANEDIOL
6 water water
#
_entity_poly.entity_id   1
_entity_poly.type   'polypeptide(L)'
_entity_poly.pdbx_seq_one_letter_code
;MARDHRKIGKQLDLYHMQEEAPGMVFWHNDGWTIFRELEVFVRSKLKEYQYQEVKGPFMMDRVLWEKTGHWDNYKDAMFT
TSSENREYCIKPMNCPGHVQIFNQGLKSYRDLPLRMAEFGSCHRNEPSGSLHGLMRVRGFTQDDAHIFCTEEQIRDEVNG
CIRLVYDMYSTFGFEKIVVKLSTRPEKRIGSDEMWDRAEADLAVALEENNIPFEYQLGEGAFYGPKIEFTLYDCLDRAWQ
CGTVQLDFSLPSRLSASYVGEDNERKVPVMIHRAILGSMERFIGILTEEFAGFFPTWLAPVQVVIMNITDSQSEYVNELT
QKLSNAGIRVKADLRNEKIGFKIREHTLRRVPYMLVCGDKEVESGKVAVRTRRGKDLGSMDVNEVIEKLQQEIRSRSLKQ
LEELEHHHHHH
;
_entity_poly.pdbx_strand_id   D,A
#
loop_
_chem_comp.id
_chem_comp.type
_chem_comp.name
_chem_comp.formula
DMS non-polymer 'DIMETHYL SULFOXIDE' 'C2 H6 O S'
EDO non-polymer 1,2-ETHANEDIOL 'C2 H6 O2'
W0U non-polymer '[(2~{S},4~{S},5~{R})-5-(6-aminopurin-9-yl)-4-oxidanyl-oxolan-2-yl]methoxy-~{N}-[(2~{S},3~{S})-2-azanyl-3-oxidanyl-butanoyl]phosphonamidic acid' 'C14 H22 N7 O7 P'
ZN non-polymer 'ZINC ION' 'Zn 2'
#
# COMPACT_ATOMS: atom_id res chain seq x y z
N ASP A 4 20.67 3.46 -18.23
CA ASP A 4 20.52 4.24 -16.97
C ASP A 4 19.02 4.37 -16.64
N HIS A 5 18.61 3.95 -15.45
CA HIS A 5 17.22 3.98 -14.99
C HIS A 5 16.62 5.38 -15.06
N ARG A 6 17.43 6.44 -14.85
CA ARG A 6 16.94 7.80 -14.77
C ARG A 6 16.49 8.30 -16.14
N LYS A 7 17.13 7.79 -17.20
CA LYS A 7 16.73 8.13 -18.55
C LYS A 7 15.59 7.21 -18.99
N ILE A 8 15.72 5.91 -18.73
CA ILE A 8 14.65 4.97 -19.02
C ILE A 8 13.40 5.36 -18.21
N GLY A 9 13.58 5.79 -16.96
CA GLY A 9 12.48 6.18 -16.11
C GLY A 9 11.73 7.39 -16.67
N LYS A 10 12.47 8.32 -17.31
CA LYS A 10 11.89 9.44 -18.03
C LYS A 10 11.09 8.91 -19.23
N GLN A 11 11.70 8.03 -20.03
CA GLN A 11 11.13 7.60 -21.29
C GLN A 11 9.86 6.78 -21.11
N LEU A 12 9.79 5.99 -20.04
CA LEU A 12 8.66 5.11 -19.77
C LEU A 12 7.66 5.78 -18.78
N ASP A 13 7.94 7.03 -18.36
CA ASP A 13 7.00 7.80 -17.56
C ASP A 13 6.68 7.02 -16.28
N LEU A 14 7.76 6.62 -15.61
CA LEU A 14 7.75 5.74 -14.46
C LEU A 14 7.68 6.59 -13.20
N TYR A 15 8.59 7.57 -13.10
CA TYR A 15 8.70 8.45 -11.96
C TYR A 15 9.30 9.77 -12.43
N HIS A 16 9.38 10.77 -11.53
CA HIS A 16 10.20 11.95 -11.76
C HIS A 16 10.71 12.47 -10.42
N MET A 17 11.68 13.38 -10.48
CA MET A 17 12.16 14.09 -9.30
C MET A 17 12.29 15.58 -9.61
N GLN A 18 12.29 16.43 -8.58
CA GLN A 18 12.34 17.87 -8.75
C GLN A 18 13.17 18.47 -7.64
N GLU A 19 13.58 19.73 -7.78
CA GLU A 19 14.36 20.39 -6.74
C GLU A 19 13.50 20.72 -5.52
N GLU A 20 12.19 20.94 -5.74
CA GLU A 20 11.26 21.26 -4.66
C GLU A 20 11.17 20.12 -3.62
N ALA A 21 11.71 18.94 -3.95
CA ALA A 21 11.81 17.80 -3.04
C ALA A 21 13.02 16.93 -3.43
N PRO A 22 14.25 17.28 -3.01
CA PRO A 22 15.43 16.55 -3.42
C PRO A 22 15.51 15.18 -2.73
N GLY A 23 15.86 14.18 -3.54
CA GLY A 23 15.90 12.80 -3.11
C GLY A 23 14.51 12.20 -2.85
N MET A 24 13.44 12.84 -3.33
CA MET A 24 12.09 12.33 -3.12
C MET A 24 11.51 11.87 -4.45
N VAL A 25 10.90 10.71 -4.50
CA VAL A 25 10.33 10.17 -5.74
C VAL A 25 8.83 10.51 -5.86
N PHE A 26 8.45 10.95 -7.07
CA PHE A 26 7.10 11.08 -7.55
C PHE A 26 6.86 9.89 -8.48
N TRP A 27 6.13 8.90 -7.97
CA TRP A 27 5.81 7.70 -8.72
C TRP A 27 4.65 8.03 -9.64
N HIS A 28 4.90 8.06 -10.94
CA HIS A 28 3.84 8.16 -11.92
C HIS A 28 3.06 6.85 -11.98
N ASN A 29 1.94 6.84 -12.69
CA ASN A 29 1.14 5.64 -12.77
C ASN A 29 2.03 4.43 -13.05
N ASP A 30 2.90 4.52 -14.08
CA ASP A 30 3.49 3.31 -14.66
C ASP A 30 4.52 2.71 -13.71
N GLY A 31 5.29 3.53 -13.01
CA GLY A 31 6.25 2.99 -12.04
C GLY A 31 5.65 2.61 -10.70
N TRP A 32 4.58 3.30 -10.32
CA TRP A 32 3.80 2.93 -9.15
C TRP A 32 3.19 1.56 -9.41
N THR A 33 2.80 1.25 -10.64
CA THR A 33 2.34 -0.10 -10.96
C THR A 33 3.43 -1.15 -10.75
N ILE A 34 4.68 -0.80 -11.04
CA ILE A 34 5.76 -1.76 -10.87
C ILE A 34 5.98 -2.02 -9.37
N PHE A 35 6.05 -0.91 -8.62
CA PHE A 35 6.11 -0.87 -7.17
C PHE A 35 4.99 -1.73 -6.57
N ARG A 36 3.76 -1.51 -7.02
CA ARG A 36 2.65 -2.24 -6.44
C ARG A 36 2.76 -3.74 -6.75
N GLU A 37 3.30 -4.08 -7.93
CA GLU A 37 3.48 -5.48 -8.31
C GLU A 37 4.58 -6.16 -7.48
N LEU A 38 5.59 -5.38 -7.07
CA LEU A 38 6.66 -5.91 -6.23
C LEU A 38 6.12 -6.15 -4.82
N GLU A 39 5.27 -5.24 -4.31
CA GLU A 39 4.46 -5.48 -3.12
C GLU A 39 3.68 -6.80 -3.21
N VAL A 40 2.86 -6.99 -4.24
CA VAL A 40 2.10 -8.22 -4.37
C VAL A 40 3.07 -9.41 -4.31
N PHE A 41 4.21 -9.30 -5.01
CA PHE A 41 5.19 -10.38 -5.06
C PHE A 41 5.74 -10.67 -3.66
N VAL A 42 6.22 -9.60 -2.99
CA VAL A 42 6.73 -9.71 -1.64
C VAL A 42 5.72 -10.39 -0.71
N ARG A 43 4.44 -10.01 -0.76
CA ARG A 43 3.44 -10.59 0.14
C ARG A 43 3.14 -12.04 -0.23
N SER A 44 3.26 -12.42 -1.50
CA SER A 44 3.11 -13.84 -1.81
C SER A 44 4.14 -14.68 -1.04
N LYS A 45 5.38 -14.17 -0.92
CA LYS A 45 6.48 -14.79 -0.20
C LYS A 45 6.39 -14.64 1.33
N LEU A 46 5.97 -13.48 1.86
CA LEU A 46 5.65 -13.32 3.28
C LEU A 46 4.68 -14.39 3.76
N LYS A 47 3.53 -14.52 3.09
CA LYS A 47 2.52 -15.51 3.47
C LYS A 47 3.13 -16.89 3.59
N GLU A 48 3.81 -17.33 2.53
CA GLU A 48 4.52 -18.61 2.47
C GLU A 48 5.46 -18.83 3.67
N TYR A 49 6.31 -17.85 4.01
CA TYR A 49 7.26 -17.93 5.12
C TYR A 49 6.64 -17.42 6.42
N GLN A 50 5.31 -17.18 6.45
CA GLN A 50 4.54 -16.96 7.66
C GLN A 50 4.96 -15.68 8.36
N TYR A 51 4.72 -14.52 7.77
CA TYR A 51 5.03 -13.25 8.42
C TYR A 51 3.71 -12.50 8.65
N GLN A 52 3.62 -11.76 9.75
CA GLN A 52 2.61 -10.74 9.89
C GLN A 52 2.96 -9.57 8.97
N GLU A 53 1.98 -8.71 8.71
CA GLU A 53 2.22 -7.43 8.11
C GLU A 53 1.50 -6.33 8.91
N VAL A 54 2.30 -5.34 9.30
CA VAL A 54 1.87 -4.21 10.12
C VAL A 54 2.20 -2.87 9.44
N LYS A 55 1.81 -1.78 10.11
CA LYS A 55 2.15 -0.43 9.72
C LYS A 55 2.38 0.44 10.95
N GLY A 56 3.62 0.89 11.13
CA GLY A 56 3.98 1.73 12.25
C GLY A 56 3.74 3.17 11.84
N PRO A 57 3.60 4.12 12.79
CA PRO A 57 3.44 5.51 12.40
C PRO A 57 4.74 6.09 11.86
N PHE A 58 4.54 7.25 11.25
CA PHE A 58 5.52 7.92 10.44
C PHE A 58 6.43 8.72 11.37
N MET A 59 5.88 9.17 12.49
CA MET A 59 6.74 9.80 13.47
C MET A 59 6.37 9.36 14.88
N MET A 60 7.41 9.38 15.72
CA MET A 60 7.32 9.11 17.14
C MET A 60 8.17 10.12 17.92
N ASP A 61 7.88 10.24 19.22
CA ASP A 61 8.57 11.16 20.10
C ASP A 61 10.07 10.87 20.03
N ARG A 62 10.86 11.94 20.07
CA ARG A 62 12.30 11.86 19.97
C ARG A 62 12.85 11.21 21.24
N VAL A 63 12.01 11.11 22.28
CA VAL A 63 12.37 10.41 23.49
C VAL A 63 12.59 8.93 23.20
N LEU A 64 11.67 8.30 22.44
CA LEU A 64 11.81 6.93 21.98
C LEU A 64 13.10 6.72 21.15
N TRP A 65 13.52 7.71 20.35
CA TRP A 65 14.72 7.63 19.51
C TRP A 65 16.00 7.86 20.30
N GLU A 66 15.88 8.57 21.44
CA GLU A 66 16.97 8.70 22.39
C GLU A 66 17.17 7.36 23.10
N LYS A 67 16.07 6.65 23.33
CA LYS A 67 16.07 5.36 24.01
C LYS A 67 16.84 4.31 23.19
N THR A 68 16.71 4.37 21.88
CA THR A 68 17.30 3.36 21.02
C THR A 68 18.78 3.66 20.75
N GLY A 69 19.25 4.86 21.08
CA GLY A 69 20.60 5.29 20.76
C GLY A 69 20.70 5.86 19.35
N HIS A 70 19.56 5.82 18.61
CA HIS A 70 19.39 6.44 17.30
C HIS A 70 19.61 7.94 17.36
N TRP A 71 19.26 8.57 18.49
CA TRP A 71 19.52 9.99 18.68
C TRP A 71 21.01 10.27 18.74
N ASP A 72 21.78 9.48 19.48
CA ASP A 72 23.20 9.79 19.64
C ASP A 72 24.02 9.21 18.50
N ASN A 73 23.47 8.22 17.80
CA ASN A 73 24.26 7.45 16.83
C ASN A 73 23.86 7.75 15.38
N TYR A 74 22.81 8.55 15.17
CA TYR A 74 22.16 8.66 13.87
C TYR A 74 21.45 10.00 13.73
N LYS A 75 21.85 10.99 14.54
CA LYS A 75 21.10 12.25 14.64
C LYS A 75 21.07 12.95 13.28
N ASP A 76 22.19 12.85 12.54
CA ASP A 76 22.39 13.69 11.37
C ASP A 76 21.52 13.22 10.23
N ALA A 77 21.14 11.95 10.26
CA ALA A 77 20.38 11.32 9.19
C ALA A 77 18.86 11.49 9.39
N MET A 78 18.40 12.10 10.49
CA MET A 78 17.01 12.01 10.89
C MET A 78 16.31 13.34 10.65
N PHE A 79 15.10 13.29 10.10
CA PHE A 79 14.28 14.47 10.01
C PHE A 79 13.56 14.61 11.35
N THR A 80 13.42 15.84 11.84
CA THR A 80 12.62 16.11 13.01
C THR A 80 11.57 17.17 12.69
N THR A 81 10.41 17.06 13.34
CA THR A 81 9.38 18.09 13.31
C THR A 81 8.97 18.39 14.75
N SER A 82 7.83 19.02 14.97
CA SER A 82 7.37 19.21 16.33
C SER A 82 5.87 19.53 16.36
N SER A 83 5.26 19.33 17.54
CA SER A 83 3.90 19.79 17.78
C SER A 83 3.74 19.93 19.29
N GLU A 84 3.40 21.15 19.73
CA GLU A 84 3.06 21.44 21.12
C GLU A 84 4.24 21.15 22.04
N ASN A 85 5.38 21.80 21.78
CA ASN A 85 6.59 21.70 22.62
C ASN A 85 7.20 20.29 22.65
N ARG A 86 6.73 19.38 21.78
CA ARG A 86 7.24 18.02 21.71
C ARG A 86 7.94 17.82 20.39
N GLU A 87 9.14 17.26 20.42
CA GLU A 87 9.87 17.04 19.19
C GLU A 87 9.62 15.60 18.71
N TYR A 88 9.58 15.43 17.38
CA TYR A 88 9.22 14.16 16.73
C TYR A 88 10.24 13.83 15.65
N CYS A 89 10.70 12.57 15.61
CA CYS A 89 11.49 12.13 14.48
C CYS A 89 10.57 11.43 13.48
N ILE A 90 10.69 11.86 12.23
CA ILE A 90 10.24 11.04 11.12
C ILE A 90 11.13 9.81 11.10
N LYS A 91 10.51 8.63 11.05
CA LYS A 91 11.23 7.38 11.20
C LYS A 91 12.26 7.18 10.08
N PRO A 92 13.57 7.04 10.41
CA PRO A 92 14.55 6.56 9.45
C PRO A 92 14.53 5.04 9.22
N MET A 93 13.79 4.34 10.10
CA MET A 93 13.80 2.89 10.27
C MET A 93 12.48 2.44 10.86
N ASN A 94 12.06 1.19 10.56
CA ASN A 94 10.77 0.70 11.03
C ASN A 94 10.86 -0.05 12.36
N CYS A 95 12.07 -0.39 12.82
CA CYS A 95 12.26 -1.38 13.86
C CYS A 95 11.60 -0.91 15.16
N PRO A 96 11.95 0.28 15.72
CA PRO A 96 11.32 0.77 16.94
C PRO A 96 9.80 0.67 16.95
N GLY A 97 9.14 0.93 15.85
CA GLY A 97 7.69 0.85 15.82
C GLY A 97 7.17 -0.57 15.78
N HIS A 98 7.92 -1.51 15.18
CA HIS A 98 7.54 -2.91 15.34
C HIS A 98 7.70 -3.38 16.78
N VAL A 99 8.67 -2.78 17.50
CA VAL A 99 8.93 -3.16 18.89
C VAL A 99 7.76 -2.69 19.76
N GLN A 100 7.17 -1.54 19.45
CA GLN A 100 6.05 -1.00 20.19
C GLN A 100 4.86 -1.93 19.95
N ILE A 101 4.66 -2.36 18.69
CA ILE A 101 3.61 -3.32 18.38
C ILE A 101 3.84 -4.60 19.19
N PHE A 102 5.09 -5.09 19.24
CA PHE A 102 5.41 -6.34 19.95
C PHE A 102 5.13 -6.23 21.47
N ASN A 103 5.40 -5.07 22.05
CA ASN A 103 5.20 -4.78 23.46
C ASN A 103 3.71 -4.70 23.84
N GLN A 104 2.79 -4.59 22.88
CA GLN A 104 1.36 -4.67 23.17
C GLN A 104 0.94 -6.13 23.28
N GLY A 105 0.36 -6.50 24.43
CA GLY A 105 0.00 -7.88 24.69
C GLY A 105 1.20 -8.67 25.21
N LEU A 106 0.97 -9.41 26.29
CA LEU A 106 1.94 -10.34 26.85
C LEU A 106 2.35 -11.37 25.79
N LYS A 107 3.67 -11.62 25.68
CA LYS A 107 4.19 -12.57 24.71
C LYS A 107 4.90 -13.72 25.43
N SER A 108 4.77 -14.94 24.90
CA SER A 108 5.50 -16.08 25.41
C SER A 108 6.40 -16.65 24.31
N TYR A 109 7.21 -17.64 24.67
CA TYR A 109 8.03 -18.42 23.75
C TYR A 109 7.18 -19.08 22.68
N ARG A 110 5.87 -19.29 22.95
CA ARG A 110 4.93 -19.82 21.98
C ARG A 110 4.55 -18.84 20.87
N ASP A 111 4.82 -17.52 21.04
CA ASP A 111 4.65 -16.56 19.96
C ASP A 111 5.91 -16.41 19.09
N LEU A 112 7.01 -17.10 19.44
CA LEU A 112 8.26 -16.94 18.71
C LEU A 112 8.49 -18.16 17.82
N PRO A 113 9.12 -18.03 16.64
CA PRO A 113 9.57 -16.75 16.10
C PRO A 113 8.37 -15.94 15.65
N LEU A 114 8.36 -14.66 16.02
CA LEU A 114 7.36 -13.72 15.53
C LEU A 114 7.98 -12.89 14.43
N ARG A 115 7.52 -13.10 13.19
CA ARG A 115 8.03 -12.39 12.02
C ARG A 115 7.08 -11.28 11.58
N MET A 116 7.58 -10.04 11.70
CA MET A 116 6.73 -8.88 11.56
C MET A 116 7.29 -7.99 10.45
N ALA A 117 6.59 -7.98 9.31
CA ALA A 117 6.95 -7.22 8.13
C ALA A 117 6.14 -5.94 8.02
N GLU A 118 6.64 -5.08 7.15
CA GLU A 118 6.08 -3.78 6.89
C GLU A 118 6.79 -3.29 5.64
N PHE A 119 6.00 -2.73 4.73
CA PHE A 119 6.48 -1.92 3.65
C PHE A 119 6.57 -0.52 4.21
N GLY A 120 7.72 -0.25 4.80
CA GLY A 120 7.83 0.82 5.75
C GLY A 120 8.62 1.95 5.17
N SER A 121 7.94 3.10 5.08
CA SER A 121 8.49 4.31 4.53
C SER A 121 9.42 4.98 5.52
N CYS A 122 10.68 4.99 5.11
CA CYS A 122 11.78 5.57 5.84
C CYS A 122 12.18 6.90 5.22
N HIS A 123 12.59 7.84 6.06
CA HIS A 123 13.18 9.08 5.62
C HIS A 123 14.53 9.30 6.26
N ARG A 124 15.52 9.58 5.41
CA ARG A 124 16.89 9.77 5.83
C ARG A 124 17.44 11.02 5.14
N ASN A 125 17.99 11.96 5.93
CA ASN A 125 18.63 13.16 5.44
C ASN A 125 20.02 12.88 4.84
N GLU A 126 20.05 12.05 3.79
CA GLU A 126 21.24 11.75 3.02
C GLU A 126 21.85 13.04 2.44
N PRO A 127 23.18 13.26 2.55
CA PRO A 127 23.84 14.40 1.90
C PRO A 127 23.42 14.52 0.42
N SER A 128 23.10 15.73 -0.04
CA SER A 128 22.54 15.89 -1.37
C SER A 128 23.55 15.46 -2.42
N GLY A 129 24.85 15.53 -2.07
CA GLY A 129 25.93 15.10 -2.94
C GLY A 129 25.95 13.58 -3.17
N SER A 130 25.34 12.83 -2.24
CA SER A 130 25.30 11.39 -2.32
C SER A 130 24.09 10.91 -3.15
N LEU A 131 23.10 11.78 -3.35
CA LEU A 131 21.85 11.35 -3.92
C LEU A 131 22.14 10.91 -5.34
N HIS A 132 21.53 9.79 -5.75
CA HIS A 132 21.69 9.32 -7.10
C HIS A 132 20.44 8.56 -7.53
N GLY A 133 19.64 9.20 -8.40
CA GLY A 133 18.48 8.55 -9.01
C GLY A 133 17.51 8.01 -7.97
N LEU A 134 17.03 6.80 -8.24
CA LEU A 134 16.23 5.97 -7.35
C LEU A 134 17.08 5.17 -6.35
N MET A 135 18.40 5.06 -6.62
CA MET A 135 19.29 4.24 -5.85
C MET A 135 19.57 4.89 -4.50
N ARG A 136 19.90 6.17 -4.45
CA ARG A 136 20.08 6.78 -3.14
C ARG A 136 19.13 7.98 -3.05
N VAL A 137 18.13 7.83 -2.19
CA VAL A 137 17.03 8.77 -2.05
C VAL A 137 16.89 9.16 -0.59
N ARG A 138 16.08 10.18 -0.34
CA ARG A 138 15.86 10.59 1.04
C ARG A 138 14.62 9.92 1.61
N GLY A 139 13.68 9.53 0.75
CA GLY A 139 12.47 8.84 1.19
C GLY A 139 12.26 7.58 0.38
N PHE A 140 12.22 6.43 1.06
CA PHE A 140 12.14 5.14 0.38
C PHE A 140 11.30 4.21 1.25
N THR A 141 10.74 3.16 0.61
CA THR A 141 10.00 2.13 1.31
C THR A 141 10.84 0.85 1.28
N GLN A 142 11.24 0.37 2.47
CA GLN A 142 11.88 -0.94 2.64
C GLN A 142 10.79 -1.99 2.68
N ASP A 143 11.07 -3.12 2.03
CA ASP A 143 10.35 -4.36 2.27
C ASP A 143 10.94 -5.01 3.54
N ASP A 144 10.55 -4.44 4.68
CA ASP A 144 11.31 -4.55 5.91
C ASP A 144 10.63 -5.60 6.78
N ALA A 145 11.39 -6.16 7.72
CA ALA A 145 10.80 -7.06 8.71
C ALA A 145 11.73 -7.15 9.90
N HIS A 146 11.13 -7.34 11.07
CA HIS A 146 11.91 -7.74 12.21
C HIS A 146 11.33 -9.03 12.73
N ILE A 147 12.22 -10.02 12.90
CA ILE A 147 11.92 -11.30 13.48
C ILE A 147 12.39 -11.28 14.94
N PHE A 148 11.42 -11.50 15.83
CA PHE A 148 11.62 -11.71 17.24
C PHE A 148 11.72 -13.21 17.52
N CYS A 149 12.79 -13.62 18.19
CA CYS A 149 13.12 -15.03 18.32
C CYS A 149 13.99 -15.23 19.57
N THR A 150 14.25 -16.50 19.89
CA THR A 150 15.16 -16.89 20.98
C THR A 150 16.58 -16.99 20.43
N GLU A 151 17.55 -17.17 21.33
CA GLU A 151 18.92 -17.43 20.93
C GLU A 151 18.96 -18.73 20.13
N GLU A 152 18.11 -19.70 20.49
CA GLU A 152 18.20 -21.03 19.93
C GLU A 152 17.72 -21.02 18.48
N GLN A 153 16.83 -20.07 18.17
CA GLN A 153 16.16 -19.99 16.88
C GLN A 153 16.94 -19.14 15.88
N ILE A 154 18.00 -18.45 16.30
CA ILE A 154 18.78 -17.58 15.44
C ILE A 154 19.19 -18.27 14.15
N ARG A 155 19.87 -19.41 14.25
CA ARG A 155 20.37 -20.10 13.07
C ARG A 155 19.26 -20.26 12.03
N ASP A 156 18.12 -20.82 12.41
CA ASP A 156 17.11 -21.15 11.39
C ASP A 156 16.52 -19.87 10.82
N GLU A 157 16.42 -18.84 11.68
CA GLU A 157 15.77 -17.61 11.32
C GLU A 157 16.63 -16.83 10.32
N VAL A 158 17.94 -16.77 10.58
CA VAL A 158 18.89 -16.11 9.70
C VAL A 158 18.99 -16.94 8.41
N ASN A 159 18.91 -18.27 8.50
CA ASN A 159 18.93 -19.09 7.30
C ASN A 159 17.68 -18.86 6.45
N GLY A 160 16.54 -18.61 7.12
CA GLY A 160 15.29 -18.38 6.41
C GLY A 160 15.33 -17.08 5.59
N CYS A 161 15.92 -16.02 6.18
CA CYS A 161 16.16 -14.74 5.52
C CYS A 161 17.06 -14.89 4.29
N ILE A 162 18.20 -15.59 4.44
CA ILE A 162 19.12 -15.88 3.34
C ILE A 162 18.39 -16.65 2.24
N ARG A 163 17.63 -17.70 2.60
CA ARG A 163 16.89 -18.46 1.59
C ARG A 163 15.96 -17.53 0.83
N LEU A 164 15.30 -16.63 1.56
CA LEU A 164 14.25 -15.83 0.99
C LEU A 164 14.87 -14.81 0.04
N VAL A 165 16.11 -14.38 0.31
CA VAL A 165 16.81 -13.50 -0.62
C VAL A 165 17.07 -14.26 -1.93
N TYR A 166 17.67 -15.45 -1.89
CA TYR A 166 18.01 -16.15 -3.14
C TYR A 166 16.76 -16.62 -3.89
N ASP A 167 15.72 -17.00 -3.12
CA ASP A 167 14.42 -17.31 -3.73
C ASP A 167 13.92 -16.08 -4.52
N MET A 168 13.84 -14.91 -3.87
CA MET A 168 13.20 -13.76 -4.47
C MET A 168 14.01 -13.26 -5.67
N TYR A 169 15.34 -13.21 -5.48
CA TYR A 169 16.25 -12.77 -6.51
C TYR A 169 16.27 -13.68 -7.74
N SER A 170 16.05 -15.00 -7.60
CA SER A 170 16.02 -15.88 -8.77
C SER A 170 14.85 -15.54 -9.69
N THR A 171 13.75 -14.99 -9.17
CA THR A 171 12.65 -14.53 -10.00
C THR A 171 13.14 -13.51 -11.05
N PHE A 172 14.18 -12.73 -10.70
CA PHE A 172 14.66 -11.62 -11.52
C PHE A 172 15.95 -12.00 -12.27
N GLY A 173 16.54 -13.15 -11.94
CA GLY A 173 17.63 -13.72 -12.73
C GLY A 173 18.94 -12.93 -12.63
N PHE A 174 19.31 -12.52 -11.41
CA PHE A 174 20.55 -11.77 -11.23
C PHE A 174 21.81 -12.67 -11.28
N GLU A 175 22.78 -12.29 -12.12
CA GLU A 175 24.02 -13.04 -12.28
C GLU A 175 24.94 -12.76 -11.10
N LYS A 176 25.25 -11.48 -10.87
CA LYS A 176 26.23 -11.02 -9.89
C LYS A 176 25.48 -10.59 -8.63
N ILE A 177 25.46 -11.50 -7.64
CA ILE A 177 25.06 -11.22 -6.26
C ILE A 177 26.28 -11.37 -5.37
N VAL A 178 26.85 -10.24 -4.98
CA VAL A 178 28.06 -10.20 -4.18
C VAL A 178 27.62 -9.92 -2.75
N VAL A 179 28.01 -10.80 -1.81
CA VAL A 179 27.59 -10.73 -0.42
C VAL A 179 28.74 -10.14 0.40
N LYS A 180 28.38 -9.34 1.42
CA LYS A 180 29.35 -8.73 2.30
C LYS A 180 28.89 -8.86 3.76
N LEU A 181 29.86 -8.98 4.66
CA LEU A 181 29.59 -8.92 6.08
C LEU A 181 30.21 -7.63 6.65
N SER A 182 29.32 -6.74 7.06
CA SER A 182 29.68 -5.47 7.62
C SER A 182 29.73 -5.57 9.13
N THR A 183 30.92 -5.30 9.70
CA THR A 183 31.20 -5.59 11.10
C THR A 183 31.12 -4.28 11.90
N ARG A 184 31.38 -4.36 13.21
CA ARG A 184 31.03 -3.32 14.16
C ARG A 184 31.66 -1.97 13.80
N PRO A 185 30.83 -0.90 13.78
CA PRO A 185 31.32 0.47 13.56
C PRO A 185 31.86 1.04 14.87
N GLU A 186 32.52 2.20 14.80
CA GLU A 186 33.07 2.79 16.02
C GLU A 186 31.96 3.15 17.00
N LYS A 187 30.84 3.69 16.48
CA LYS A 187 29.70 4.13 17.28
C LYS A 187 28.59 3.10 17.14
N ARG A 188 28.42 2.30 18.20
CA ARG A 188 27.47 1.22 18.21
C ARG A 188 26.87 1.08 19.62
N ILE A 189 25.78 0.30 19.71
CA ILE A 189 25.21 -0.12 20.99
C ILE A 189 25.47 -1.61 21.14
N GLY A 190 25.28 -2.14 22.36
CA GLY A 190 25.61 -3.53 22.67
C GLY A 190 27.08 -3.70 23.10
N SER A 191 27.36 -4.76 23.88
CA SER A 191 28.71 -5.06 24.37
C SER A 191 29.51 -5.72 23.28
N ASP A 192 30.84 -5.76 23.44
CA ASP A 192 31.71 -6.39 22.47
C ASP A 192 31.34 -7.84 22.29
N GLU A 193 30.84 -8.45 23.36
CA GLU A 193 30.51 -9.86 23.41
C GLU A 193 29.30 -10.14 22.50
N MET A 194 28.30 -9.25 22.59
CA MET A 194 27.14 -9.26 21.72
C MET A 194 27.56 -9.12 20.25
N TRP A 195 28.48 -8.21 19.97
CA TRP A 195 29.00 -8.04 18.62
C TRP A 195 29.83 -9.23 18.15
N ASP A 196 30.56 -9.91 19.04
CA ASP A 196 31.34 -11.08 18.65
C ASP A 196 30.39 -12.21 18.25
N ARG A 197 29.29 -12.33 18.99
CA ARG A 197 28.33 -13.38 18.81
C ARG A 197 27.55 -13.12 17.53
N ALA A 198 27.17 -11.85 17.30
CA ALA A 198 26.36 -11.48 16.14
C ALA A 198 27.19 -11.56 14.86
N GLU A 199 28.45 -11.13 14.90
CA GLU A 199 29.32 -11.21 13.74
C GLU A 199 29.60 -12.68 13.38
N ALA A 200 29.71 -13.51 14.42
CA ALA A 200 30.05 -14.90 14.22
C ALA A 200 28.85 -15.65 13.67
N ASP A 201 27.64 -15.33 14.17
CA ASP A 201 26.42 -16.05 13.78
C ASP A 201 26.10 -15.81 12.31
N LEU A 202 26.39 -14.60 11.83
CA LEU A 202 26.14 -14.26 10.43
C LEU A 202 27.21 -14.85 9.50
N ALA A 203 28.47 -14.94 9.92
CA ALA A 203 29.52 -15.52 9.09
C ALA A 203 29.30 -17.03 8.91
N VAL A 204 28.94 -17.67 10.04
CA VAL A 204 28.52 -19.05 10.12
C VAL A 204 27.35 -19.30 9.18
N ALA A 205 26.29 -18.48 9.27
CA ALA A 205 25.16 -18.55 8.36
C ALA A 205 25.60 -18.53 6.91
N LEU A 206 26.54 -17.65 6.57
CA LEU A 206 27.01 -17.53 5.19
C LEU A 206 27.77 -18.80 4.78
N GLU A 207 28.59 -19.36 5.68
CA GLU A 207 29.43 -20.50 5.33
C GLU A 207 28.58 -21.76 5.20
N GLU A 208 27.60 -21.94 6.10
CA GLU A 208 26.62 -23.00 5.97
C GLU A 208 25.75 -22.89 4.71
N ASN A 209 25.53 -21.68 4.21
CA ASN A 209 24.76 -21.50 3.01
C ASN A 209 25.68 -21.45 1.77
N ASN A 210 26.98 -21.65 1.95
CA ASN A 210 27.89 -21.79 0.83
C ASN A 210 28.06 -20.47 0.09
N ILE A 211 28.01 -19.36 0.86
CA ILE A 211 28.03 -18.03 0.26
C ILE A 211 29.40 -17.44 0.49
N PRO A 212 30.20 -17.22 -0.57
CA PRO A 212 31.46 -16.51 -0.46
C PRO A 212 31.15 -15.06 -0.12
N PHE A 213 31.93 -14.46 0.75
CA PHE A 213 31.64 -13.10 1.18
C PHE A 213 32.94 -12.39 1.52
N GLU A 214 32.88 -11.06 1.59
CA GLU A 214 34.02 -10.21 1.92
C GLU A 214 33.61 -9.38 3.13
N TYR A 215 34.52 -9.21 4.07
CA TYR A 215 34.29 -8.26 5.12
C TYR A 215 34.21 -6.86 4.56
N GLN A 216 33.29 -6.06 5.16
CA GLN A 216 33.45 -4.60 5.17
C GLN A 216 33.59 -4.21 6.64
N LEU A 217 34.83 -4.05 7.06
CA LEU A 217 35.11 -3.77 8.46
C LEU A 217 34.58 -2.38 8.85
N GLY A 218 33.81 -2.31 9.94
CA GLY A 218 33.42 -1.03 10.50
C GLY A 218 32.16 -0.47 9.83
N GLU A 219 31.48 -1.29 9.03
CA GLU A 219 30.47 -0.80 8.10
C GLU A 219 29.05 -1.27 8.52
N GLY A 220 28.92 -1.99 9.63
CA GLY A 220 27.59 -2.39 10.06
C GLY A 220 26.90 -1.23 10.78
N ALA A 221 25.61 -1.41 11.10
CA ALA A 221 24.82 -0.39 11.76
C ALA A 221 25.23 -0.29 13.23
N PHE A 222 24.86 0.81 13.89
CA PHE A 222 25.16 1.01 15.30
C PHE A 222 24.48 -0.09 16.12
N TYR A 223 23.38 -0.66 15.61
CA TYR A 223 22.56 -1.65 16.31
C TYR A 223 22.74 -3.07 15.74
N GLY A 224 23.74 -3.31 14.87
CA GLY A 224 23.96 -4.67 14.38
C GLY A 224 24.79 -4.78 13.10
N PRO A 225 25.54 -5.89 12.95
CA PRO A 225 26.25 -6.20 11.72
C PRO A 225 25.26 -6.59 10.66
N LYS A 226 25.69 -6.50 9.41
CA LYS A 226 24.83 -6.76 8.28
C LYS A 226 25.44 -7.82 7.36
N ILE A 227 24.66 -8.83 6.95
CA ILE A 227 24.79 -9.41 5.61
C ILE A 227 24.19 -8.47 4.56
N GLU A 228 24.95 -8.18 3.49
CA GLU A 228 24.51 -7.30 2.42
C GLU A 228 24.57 -8.06 1.11
N PHE A 229 23.42 -8.06 0.40
CA PHE A 229 23.30 -8.64 -0.92
C PHE A 229 23.38 -7.50 -1.91
N THR A 230 24.46 -7.54 -2.69
CA THR A 230 24.97 -6.39 -3.42
C THR A 230 24.66 -6.63 -4.89
N LEU A 231 23.91 -5.68 -5.48
CA LEU A 231 23.58 -5.78 -6.88
C LEU A 231 24.28 -4.62 -7.57
N TYR A 232 24.44 -4.78 -8.88
CA TYR A 232 25.33 -3.96 -9.68
C TYR A 232 24.47 -3.27 -10.76
N ASP A 233 24.68 -1.96 -10.93
CA ASP A 233 23.96 -1.21 -11.93
C ASP A 233 24.72 -1.34 -13.24
N CYS A 234 24.22 -0.75 -14.31
CA CYS A 234 24.79 -0.91 -15.65
C CYS A 234 26.19 -0.31 -15.78
N LEU A 235 26.61 0.62 -14.89
CA LEU A 235 28.01 1.05 -14.81
C LEU A 235 28.80 0.25 -13.77
N ASP A 236 28.29 -0.94 -13.39
CA ASP A 236 28.85 -1.83 -12.38
C ASP A 236 29.17 -1.13 -11.05
N ARG A 237 28.40 -0.11 -10.62
CA ARG A 237 28.48 0.34 -9.24
C ARG A 237 27.67 -0.62 -8.36
N ALA A 238 28.16 -0.80 -7.13
CA ALA A 238 27.65 -1.75 -6.18
C ALA A 238 26.65 -1.04 -5.29
N TRP A 239 25.45 -1.63 -5.18
CA TRP A 239 24.41 -1.06 -4.34
C TRP A 239 23.93 -2.10 -3.34
N GLN A 240 24.01 -1.74 -2.04
CA GLN A 240 23.40 -2.58 -1.03
C GLN A 240 21.89 -2.71 -1.26
N CYS A 241 21.44 -3.96 -1.51
CA CYS A 241 20.03 -4.28 -1.61
C CYS A 241 19.55 -5.11 -0.42
N GLY A 242 19.43 -6.43 -0.61
CA GLY A 242 19.10 -7.34 0.48
C GLY A 242 20.02 -7.22 1.69
N THR A 243 19.44 -7.33 2.89
CA THR A 243 20.09 -6.92 4.11
C THR A 243 19.59 -7.78 5.27
N VAL A 244 20.50 -8.50 5.97
CA VAL A 244 20.18 -9.26 7.17
C VAL A 244 21.08 -8.71 8.29
N GLN A 245 20.47 -8.31 9.42
CA GLN A 245 21.20 -7.85 10.59
C GLN A 245 20.70 -8.56 11.85
N LEU A 246 21.57 -8.57 12.85
CA LEU A 246 21.35 -9.33 14.06
C LEU A 246 21.68 -8.43 15.25
N ASP A 247 20.70 -8.35 16.17
CA ASP A 247 20.62 -7.26 17.11
C ASP A 247 20.17 -7.82 18.47
N PHE A 248 21.05 -7.72 19.47
CA PHE A 248 20.73 -8.14 20.82
C PHE A 248 20.58 -6.91 21.74
N SER A 249 20.35 -5.71 21.20
CA SER A 249 20.40 -4.51 22.01
C SER A 249 19.08 -3.74 21.97
N LEU A 250 18.52 -3.55 20.78
CA LEU A 250 17.34 -2.72 20.58
C LEU A 250 16.19 -3.20 21.44
N PRO A 251 15.80 -4.50 21.37
CA PRO A 251 14.62 -4.98 22.10
C PRO A 251 14.77 -4.79 23.62
N SER A 252 16.01 -4.88 24.08
CA SER A 252 16.35 -4.59 25.46
C SER A 252 16.03 -3.13 25.76
N ARG A 253 16.63 -2.23 24.99
CA ARG A 253 16.43 -0.79 25.16
C ARG A 253 14.97 -0.37 25.06
N LEU A 254 14.13 -1.15 24.39
CA LEU A 254 12.73 -0.78 24.27
C LEU A 254 11.83 -1.71 25.11
N SER A 255 12.43 -2.36 26.13
CA SER A 255 11.74 -3.17 27.13
C SER A 255 10.89 -4.24 26.46
N ALA A 256 11.39 -4.81 25.36
CA ALA A 256 10.77 -6.01 24.83
C ALA A 256 11.09 -7.17 25.77
N SER A 257 10.06 -7.99 26.02
CA SER A 257 10.25 -9.25 26.71
C SER A 257 9.17 -10.26 26.31
N TYR A 258 9.46 -11.53 26.62
CA TYR A 258 8.52 -12.61 26.48
C TYR A 258 8.72 -13.54 27.70
N VAL A 259 7.72 -14.37 27.98
CA VAL A 259 7.79 -15.38 29.02
C VAL A 259 8.28 -16.69 28.41
N GLY A 260 9.47 -17.18 28.83
CA GLY A 260 10.08 -18.37 28.26
C GLY A 260 9.42 -19.67 28.73
N GLU A 261 9.95 -20.81 28.29
CA GLU A 261 9.45 -22.09 28.77
C GLU A 261 9.62 -22.22 30.28
N ASP A 262 10.79 -21.82 30.80
CA ASP A 262 11.05 -21.94 32.23
C ASP A 262 10.15 -20.96 33.00
N ASN A 263 9.62 -19.95 32.32
CA ASN A 263 8.56 -19.11 32.86
C ASN A 263 9.16 -17.82 33.43
N GLU A 264 10.40 -17.51 33.01
CA GLU A 264 11.07 -16.25 33.28
C GLU A 264 10.89 -15.24 32.11
N ARG A 265 10.99 -13.95 32.44
CA ARG A 265 11.18 -12.87 31.46
C ARG A 265 12.46 -13.06 30.67
N LYS A 266 12.38 -13.08 29.34
CA LYS A 266 13.58 -12.97 28.51
C LYS A 266 13.36 -11.84 27.50
N VAL A 267 14.48 -11.25 27.08
CA VAL A 267 14.52 -10.28 26.00
C VAL A 267 14.63 -11.05 24.69
N PRO A 268 13.76 -10.77 23.68
CA PRO A 268 13.86 -11.44 22.39
C PRO A 268 15.12 -10.96 21.68
N VAL A 269 15.74 -11.87 20.93
CA VAL A 269 16.65 -11.47 19.88
C VAL A 269 15.85 -10.86 18.74
N MET A 270 16.43 -9.90 18.02
CA MET A 270 15.79 -9.29 16.85
C MET A 270 16.67 -9.49 15.64
N ILE A 271 16.10 -10.11 14.61
CA ILE A 271 16.67 -10.13 13.27
C ILE A 271 15.99 -9.02 12.47
N HIS A 272 16.77 -8.13 11.86
CA HIS A 272 16.26 -7.19 10.85
C HIS A 272 16.58 -7.75 9.47
N ARG A 273 15.59 -7.79 8.56
CA ARG A 273 15.92 -7.90 7.15
C ARG A 273 15.05 -7.03 6.26
N ALA A 274 15.61 -6.75 5.09
CA ALA A 274 14.94 -6.24 3.91
C ALA A 274 15.43 -7.13 2.79
N ILE A 275 14.52 -7.68 1.99
CA ILE A 275 14.93 -8.62 0.97
C ILE A 275 15.27 -7.89 -0.33
N LEU A 276 14.36 -7.04 -0.80
CA LEU A 276 14.64 -6.22 -1.99
C LEU A 276 15.51 -5.03 -1.59
N GLY A 277 15.48 -4.68 -0.29
CA GLY A 277 16.19 -3.54 0.26
C GLY A 277 15.25 -2.36 0.42
N SER A 278 15.19 -1.54 -0.65
CA SER A 278 14.12 -0.56 -0.82
C SER A 278 13.53 -0.79 -2.20
N MET A 279 12.23 -0.47 -2.33
CA MET A 279 11.49 -0.60 -3.56
C MET A 279 12.10 0.31 -4.62
N GLU A 280 12.51 1.51 -4.22
CA GLU A 280 13.11 2.52 -5.06
C GLU A 280 14.42 2.03 -5.70
N ARG A 281 15.34 1.54 -4.86
CA ARG A 281 16.65 1.10 -5.34
C ARG A 281 16.50 -0.15 -6.17
N PHE A 282 15.65 -1.06 -5.69
CA PHE A 282 15.41 -2.30 -6.42
C PHE A 282 14.80 -2.01 -7.79
N ILE A 283 13.79 -1.13 -7.84
CA ILE A 283 13.22 -0.73 -9.13
C ILE A 283 14.31 -0.15 -10.05
N GLY A 284 15.17 0.74 -9.53
CA GLY A 284 16.31 1.28 -10.28
C GLY A 284 17.18 0.18 -10.90
N ILE A 285 17.62 -0.77 -10.07
CA ILE A 285 18.36 -1.94 -10.47
C ILE A 285 17.59 -2.73 -11.53
N LEU A 286 16.28 -2.99 -11.36
CA LEU A 286 15.55 -3.78 -12.35
C LEU A 286 15.50 -3.03 -13.65
N THR A 287 15.31 -1.72 -13.57
CA THR A 287 15.12 -0.91 -14.76
C THR A 287 16.40 -1.01 -15.62
N GLU A 288 17.59 -1.03 -15.01
CA GLU A 288 18.84 -1.10 -15.74
C GLU A 288 19.11 -2.56 -16.10
N GLU A 289 18.74 -3.49 -15.21
CA GLU A 289 18.86 -4.92 -15.44
C GLU A 289 18.13 -5.35 -16.70
N PHE A 290 16.89 -4.86 -16.87
CA PHE A 290 16.08 -5.21 -18.03
C PHE A 290 16.14 -4.16 -19.14
N ALA A 291 16.83 -3.03 -18.92
CA ALA A 291 16.78 -1.90 -19.82
C ALA A 291 15.34 -1.47 -20.14
N GLY A 292 14.38 -1.61 -19.18
CA GLY A 292 13.03 -1.09 -19.38
C GLY A 292 12.09 -2.15 -19.94
N PHE A 293 12.65 -3.26 -20.41
CA PHE A 293 11.89 -4.40 -20.88
C PHE A 293 11.55 -5.27 -19.67
N PHE A 294 10.63 -4.77 -18.83
CA PHE A 294 10.17 -5.50 -17.66
C PHE A 294 9.45 -6.76 -18.11
N PRO A 295 9.65 -7.92 -17.40
CA PRO A 295 8.84 -9.11 -17.66
C PRO A 295 7.36 -8.74 -17.58
N THR A 296 6.53 -9.51 -18.29
CA THR A 296 5.10 -9.20 -18.40
C THR A 296 4.46 -8.93 -17.03
N TRP A 297 4.73 -9.77 -16.04
CA TRP A 297 4.11 -9.65 -14.73
C TRP A 297 4.38 -8.28 -14.09
N LEU A 298 5.51 -7.66 -14.43
CA LEU A 298 5.92 -6.38 -13.87
C LEU A 298 5.56 -5.23 -14.81
N ALA A 299 5.35 -5.53 -16.10
CA ALA A 299 5.21 -4.48 -17.10
C ALA A 299 4.03 -3.59 -16.72
N PRO A 300 4.21 -2.23 -16.70
CA PRO A 300 3.12 -1.32 -16.30
C PRO A 300 1.82 -1.53 -17.09
N VAL A 301 1.93 -1.56 -18.43
CA VAL A 301 0.90 -1.99 -19.36
C VAL A 301 1.40 -3.24 -20.04
N GLN A 302 0.61 -4.30 -19.95
CA GLN A 302 1.01 -5.60 -20.44
C GLN A 302 0.61 -5.80 -21.91
N VAL A 303 -0.60 -5.30 -22.28
CA VAL A 303 -1.13 -5.44 -23.62
C VAL A 303 -1.73 -4.11 -24.06
N VAL A 304 -1.46 -3.73 -25.32
CA VAL A 304 -2.20 -2.65 -25.99
C VAL A 304 -2.92 -3.21 -27.20
N ILE A 305 -4.22 -2.88 -27.31
CA ILE A 305 -5.06 -3.32 -28.41
C ILE A 305 -5.38 -2.12 -29.29
N MET A 306 -5.02 -2.24 -30.57
CA MET A 306 -5.17 -1.18 -31.56
C MET A 306 -6.13 -1.64 -32.65
N ASN A 307 -7.06 -0.74 -33.03
CA ASN A 307 -7.81 -0.85 -34.26
C ASN A 307 -6.99 -0.23 -35.39
N ILE A 308 -7.14 -0.78 -36.60
CA ILE A 308 -6.55 -0.19 -37.79
C ILE A 308 -7.38 1.03 -38.19
N THR A 309 -8.69 0.81 -38.40
CA THR A 309 -9.66 1.85 -38.76
C THR A 309 -10.77 1.91 -37.70
N ASP A 310 -11.57 2.99 -37.77
CA ASP A 310 -12.76 3.14 -36.97
C ASP A 310 -13.59 1.85 -36.98
N SER A 311 -13.53 1.11 -38.07
CA SER A 311 -14.39 -0.05 -38.27
C SER A 311 -14.18 -1.17 -37.24
N GLN A 312 -12.99 -1.28 -36.62
CA GLN A 312 -12.73 -2.40 -35.71
C GLN A 312 -12.80 -1.92 -34.26
N SER A 313 -13.19 -0.66 -34.03
CA SER A 313 -13.05 -0.05 -32.72
C SER A 313 -13.92 -0.74 -31.67
N GLU A 314 -15.13 -1.19 -32.02
CA GLU A 314 -16.00 -1.78 -31.02
C GLU A 314 -15.47 -3.17 -30.65
N TYR A 315 -14.88 -3.87 -31.64
CA TYR A 315 -14.21 -5.15 -31.42
C TYR A 315 -13.03 -4.98 -30.47
N VAL A 316 -12.24 -3.92 -30.68
CA VAL A 316 -11.14 -3.58 -29.78
C VAL A 316 -11.61 -3.30 -28.35
N ASN A 317 -12.73 -2.54 -28.18
CA ASN A 317 -13.29 -2.24 -26.86
C ASN A 317 -13.77 -3.51 -26.16
N GLU A 318 -14.45 -4.39 -26.88
CA GLU A 318 -14.90 -5.67 -26.32
C GLU A 318 -13.71 -6.51 -25.85
N LEU A 319 -12.73 -6.66 -26.74
CA LEU A 319 -11.51 -7.41 -26.44
C LEU A 319 -10.79 -6.77 -25.25
N THR A 320 -10.68 -5.43 -25.23
CA THR A 320 -10.06 -4.79 -24.08
C THR A 320 -10.76 -5.10 -22.76
N GLN A 321 -12.11 -5.07 -22.76
CA GLN A 321 -12.90 -5.39 -21.56
C GLN A 321 -12.62 -6.84 -21.13
N LYS A 322 -12.56 -7.71 -22.14
CA LYS A 322 -12.45 -9.15 -21.95
C LYS A 322 -11.11 -9.51 -21.30
N LEU A 323 -10.03 -8.83 -21.74
CA LEU A 323 -8.68 -8.99 -21.17
C LEU A 323 -8.59 -8.32 -19.81
N SER A 324 -9.17 -7.12 -19.70
CA SER A 324 -9.21 -6.41 -18.42
C SER A 324 -9.83 -7.29 -17.34
N ASN A 325 -10.92 -7.98 -17.72
CA ASN A 325 -11.62 -8.90 -16.82
C ASN A 325 -10.78 -10.13 -16.48
N ALA A 326 -9.94 -10.60 -17.41
CA ALA A 326 -9.05 -11.73 -17.13
C ALA A 326 -7.91 -11.29 -16.21
N GLY A 327 -7.82 -9.98 -15.95
CA GLY A 327 -6.89 -9.42 -14.96
C GLY A 327 -5.56 -9.00 -15.59
N ILE A 328 -5.62 -8.63 -16.87
CA ILE A 328 -4.48 -8.20 -17.65
C ILE A 328 -4.49 -6.67 -17.72
N ARG A 329 -3.34 -6.05 -17.44
CA ARG A 329 -3.23 -4.62 -17.54
C ARG A 329 -3.19 -4.25 -19.02
N VAL A 330 -4.35 -3.92 -19.59
CA VAL A 330 -4.52 -3.73 -21.03
C VAL A 330 -5.08 -2.33 -21.22
N LYS A 331 -4.72 -1.71 -22.34
CA LYS A 331 -5.29 -0.44 -22.79
C LYS A 331 -5.72 -0.59 -24.25
N ALA A 332 -6.87 0.00 -24.63
CA ALA A 332 -7.23 0.24 -26.02
C ALA A 332 -6.54 1.49 -26.53
N ASP A 333 -6.09 1.44 -27.77
CA ASP A 333 -5.58 2.63 -28.45
C ASP A 333 -6.40 2.81 -29.74
N LEU A 334 -7.45 3.64 -29.60
CA LEU A 334 -8.46 3.87 -30.61
C LEU A 334 -8.20 5.24 -31.23
N ARG A 335 -7.00 5.79 -31.04
CA ARG A 335 -6.68 7.10 -31.57
C ARG A 335 -6.83 7.02 -33.08
N ASN A 336 -7.14 8.16 -33.68
CA ASN A 336 -7.25 8.30 -35.12
C ASN A 336 -5.84 8.51 -35.68
N GLU A 337 -4.99 7.47 -35.61
CA GLU A 337 -3.62 7.56 -36.10
C GLU A 337 -3.38 6.36 -36.99
N LYS A 338 -2.34 6.43 -37.82
CA LYS A 338 -1.94 5.25 -38.58
C LYS A 338 -1.51 4.15 -37.61
N ILE A 339 -1.89 2.89 -37.88
CA ILE A 339 -1.57 1.74 -37.04
C ILE A 339 -0.06 1.69 -36.81
N GLY A 340 0.74 1.88 -37.88
CA GLY A 340 2.19 1.85 -37.79
C GLY A 340 2.76 2.87 -36.80
N PHE A 341 2.07 3.99 -36.61
CA PHE A 341 2.45 5.03 -35.66
C PHE A 341 2.10 4.61 -34.22
N LYS A 342 0.99 3.88 -34.02
CA LYS A 342 0.58 3.39 -32.71
C LYS A 342 1.47 2.21 -32.28
N ILE A 343 1.67 1.24 -33.19
CA ILE A 343 2.62 0.17 -32.91
C ILE A 343 3.96 0.73 -32.43
N ARG A 344 4.45 1.77 -33.06
CA ARG A 344 5.78 2.25 -32.72
C ARG A 344 5.78 2.89 -31.33
N GLU A 345 4.68 3.56 -30.98
CA GLU A 345 4.57 4.25 -29.70
C GLU A 345 4.72 3.30 -28.51
N HIS A 346 4.03 2.16 -28.62
CA HIS A 346 3.85 1.21 -27.55
C HIS A 346 5.05 0.27 -27.49
N THR A 347 5.62 -0.04 -28.67
CA THR A 347 6.92 -0.66 -28.77
C THR A 347 7.97 0.16 -28.03
N LEU A 348 8.01 1.48 -28.25
CA LEU A 348 8.95 2.33 -27.54
C LEU A 348 8.71 2.32 -26.04
N ARG A 349 7.43 2.19 -25.62
CA ARG A 349 7.05 2.16 -24.21
C ARG A 349 7.29 0.76 -23.62
N ARG A 350 7.68 -0.20 -24.48
CA ARG A 350 8.11 -1.52 -24.07
C ARG A 350 6.90 -2.25 -23.52
N VAL A 351 5.74 -2.01 -24.15
CA VAL A 351 4.57 -2.86 -23.95
C VAL A 351 4.86 -4.25 -24.51
N PRO A 352 4.81 -5.29 -23.66
CA PRO A 352 5.23 -6.63 -24.07
C PRO A 352 4.51 -7.16 -25.30
N TYR A 353 3.17 -6.99 -25.33
CA TYR A 353 2.31 -7.48 -26.41
C TYR A 353 1.46 -6.37 -26.99
N MET A 354 1.50 -6.29 -28.33
CA MET A 354 0.59 -5.45 -29.10
C MET A 354 -0.34 -6.34 -29.93
N LEU A 355 -1.65 -6.19 -29.69
CA LEU A 355 -2.70 -6.84 -30.45
C LEU A 355 -3.27 -5.84 -31.45
N VAL A 356 -3.35 -6.27 -32.73
CA VAL A 356 -3.76 -5.41 -33.83
C VAL A 356 -5.03 -6.01 -34.42
N CYS A 357 -6.03 -5.18 -34.71
CA CYS A 357 -7.33 -5.66 -35.18
C CYS A 357 -7.69 -4.98 -36.50
N GLY A 358 -7.60 -5.74 -37.60
CA GLY A 358 -8.22 -5.38 -38.87
C GLY A 358 -9.50 -6.19 -39.06
N ASP A 359 -10.13 -6.09 -40.23
CA ASP A 359 -11.46 -6.64 -40.40
C ASP A 359 -11.39 -8.15 -40.34
N LYS A 360 -10.23 -8.72 -40.68
CA LYS A 360 -10.07 -10.17 -40.74
C LYS A 360 -9.99 -10.75 -39.33
N GLU A 361 -9.34 -9.99 -38.44
CA GLU A 361 -9.35 -10.26 -37.00
C GLU A 361 -10.77 -10.18 -36.44
N VAL A 362 -11.53 -9.15 -36.86
CA VAL A 362 -12.91 -8.97 -36.43
C VAL A 362 -13.70 -10.19 -36.90
N GLU A 363 -13.67 -10.50 -38.19
CA GLU A 363 -14.45 -11.62 -38.72
C GLU A 363 -14.09 -12.95 -38.04
N SER A 364 -12.81 -13.21 -37.79
CA SER A 364 -12.39 -14.52 -37.30
C SER A 364 -12.46 -14.57 -35.78
N GLY A 365 -12.65 -13.42 -35.12
CA GLY A 365 -12.51 -13.37 -33.67
C GLY A 365 -11.09 -13.74 -33.24
N LYS A 366 -10.10 -13.26 -34.00
CA LYS A 366 -8.70 -13.48 -33.68
C LYS A 366 -8.06 -12.13 -33.52
N VAL A 367 -6.75 -12.11 -33.40
CA VAL A 367 -6.01 -10.89 -33.16
C VAL A 367 -4.58 -11.08 -33.68
N ALA A 368 -4.02 -10.06 -34.30
CA ALA A 368 -2.64 -10.14 -34.75
C ALA A 368 -1.76 -9.71 -33.59
N VAL A 369 -0.79 -10.58 -33.22
CA VAL A 369 0.04 -10.33 -32.05
C VAL A 369 1.47 -10.03 -32.49
N ARG A 370 2.07 -9.02 -31.85
CA ARG A 370 3.47 -8.74 -32.01
C ARG A 370 4.02 -8.21 -30.70
N THR A 371 5.34 -8.21 -30.55
CA THR A 371 5.97 -7.89 -29.28
C THR A 371 6.83 -6.63 -29.40
N ARG A 372 7.19 -6.05 -28.27
CA ARG A 372 8.11 -4.93 -28.22
C ARG A 372 9.51 -5.30 -28.75
N ARG A 373 9.79 -6.60 -28.97
CA ARG A 373 11.07 -7.06 -29.51
C ARG A 373 11.03 -7.14 -31.03
N GLY A 374 9.85 -6.92 -31.60
CA GLY A 374 9.67 -6.91 -33.03
C GLY A 374 9.32 -8.28 -33.55
N LYS A 375 9.04 -9.21 -32.62
CA LYS A 375 8.56 -10.52 -33.00
C LYS A 375 7.12 -10.38 -33.44
N ASP A 376 6.81 -11.07 -34.55
CA ASP A 376 5.46 -11.06 -35.08
C ASP A 376 4.98 -12.49 -34.95
N LEU A 377 4.00 -12.71 -34.06
CA LEU A 377 3.51 -14.03 -33.71
C LEU A 377 2.29 -14.35 -34.58
N GLY A 378 1.92 -13.43 -35.50
CA GLY A 378 0.77 -13.62 -36.37
C GLY A 378 -0.56 -13.59 -35.62
N SER A 379 -1.55 -14.31 -36.16
CA SER A 379 -2.92 -14.28 -35.71
C SER A 379 -3.17 -15.39 -34.71
N MET A 380 -3.69 -15.03 -33.54
CA MET A 380 -3.87 -15.97 -32.45
C MET A 380 -5.32 -15.95 -31.97
N ASP A 381 -5.80 -17.12 -31.53
CA ASP A 381 -7.10 -17.20 -30.91
C ASP A 381 -7.11 -16.32 -29.67
N VAL A 382 -8.19 -15.58 -29.43
CA VAL A 382 -8.22 -14.63 -28.31
C VAL A 382 -8.08 -15.35 -26.97
N ASN A 383 -8.74 -16.49 -26.78
CA ASN A 383 -8.71 -17.22 -25.52
C ASN A 383 -7.35 -17.85 -25.25
N GLU A 384 -6.60 -18.10 -26.33
CA GLU A 384 -5.26 -18.63 -26.28
C GLU A 384 -4.27 -17.53 -25.89
N VAL A 385 -4.51 -16.29 -26.34
CA VAL A 385 -3.77 -15.12 -25.89
C VAL A 385 -4.00 -14.86 -24.39
N ILE A 386 -5.27 -14.87 -23.93
CA ILE A 386 -5.58 -14.68 -22.52
C ILE A 386 -4.93 -15.81 -21.71
N GLU A 387 -5.13 -17.07 -22.11
CA GLU A 387 -4.65 -18.19 -21.31
C GLU A 387 -3.15 -18.14 -21.13
N LYS A 388 -2.43 -17.84 -22.21
CA LYS A 388 -0.97 -17.84 -22.16
C LYS A 388 -0.41 -16.63 -21.43
N LEU A 389 -1.07 -15.48 -21.53
CA LEU A 389 -0.66 -14.32 -20.75
C LEU A 389 -0.78 -14.56 -19.24
N GLN A 390 -1.87 -15.22 -18.81
CA GLN A 390 -2.12 -15.48 -17.40
C GLN A 390 -1.12 -16.47 -16.85
N GLN A 391 -0.67 -17.38 -17.69
CA GLN A 391 0.40 -18.32 -17.40
C GLN A 391 1.71 -17.53 -17.21
N GLU A 392 2.02 -16.61 -18.12
CA GLU A 392 3.27 -15.86 -18.05
C GLU A 392 3.25 -14.91 -16.83
N ILE A 393 2.07 -14.39 -16.47
CA ILE A 393 1.91 -13.49 -15.32
C ILE A 393 1.92 -14.27 -14.01
N ARG A 394 1.19 -15.39 -13.93
CA ARG A 394 1.06 -16.12 -12.69
C ARG A 394 2.41 -16.70 -12.32
N SER A 395 3.15 -17.22 -13.32
CA SER A 395 4.44 -17.83 -13.05
C SER A 395 5.56 -16.80 -12.99
N ARG A 396 5.25 -15.52 -13.26
CA ARG A 396 6.25 -14.46 -13.15
C ARG A 396 7.49 -14.79 -13.99
N SER A 397 7.29 -15.36 -15.19
CA SER A 397 8.35 -15.72 -16.13
C SER A 397 9.29 -14.56 -16.49
N LEU A 398 10.58 -14.89 -16.46
CA LEU A 398 11.65 -13.97 -16.82
C LEU A 398 11.60 -13.52 -18.26
N LYS A 399 11.17 -14.37 -19.20
CA LYS A 399 10.98 -13.90 -20.57
C LYS A 399 9.80 -14.63 -21.22
N GLN A 400 9.56 -14.33 -22.50
CA GLN A 400 8.22 -14.14 -23.00
C GLN A 400 7.75 -15.31 -23.87
N LEU A 401 6.58 -15.09 -24.54
CA LEU A 401 6.12 -15.79 -25.74
C LEU A 401 7.21 -15.63 -26.83
N GLU A 402 8.29 -16.41 -26.66
CA GLU A 402 9.50 -16.32 -27.47
C GLU A 402 10.43 -15.26 -26.87
N ASP B 4 -18.22 1.32 20.64
CA ASP B 4 -17.04 2.24 20.53
C ASP B 4 -15.88 1.54 19.78
N HIS B 5 -15.32 2.20 18.74
CA HIS B 5 -14.33 1.55 17.87
C HIS B 5 -13.00 1.29 18.60
N ARG B 6 -12.69 2.15 19.58
CA ARG B 6 -11.47 2.05 20.34
C ARG B 6 -11.47 0.82 21.26
N LYS B 7 -12.63 0.50 21.85
CA LYS B 7 -12.77 -0.73 22.62
C LYS B 7 -12.75 -1.95 21.71
N ILE B 8 -13.50 -1.92 20.61
CA ILE B 8 -13.51 -3.06 19.71
C ILE B 8 -12.12 -3.21 19.04
N GLY B 9 -11.53 -2.08 18.66
CA GLY B 9 -10.15 -2.01 18.20
C GLY B 9 -9.20 -2.83 19.05
N LYS B 10 -9.19 -2.57 20.37
CA LYS B 10 -8.33 -3.31 21.29
C LYS B 10 -8.75 -4.79 21.42
N GLN B 11 -10.06 -5.07 21.56
CA GLN B 11 -10.59 -6.42 21.64
C GLN B 11 -10.15 -7.30 20.46
N LEU B 12 -10.10 -6.75 19.25
CA LEU B 12 -9.80 -7.47 18.02
C LEU B 12 -8.31 -7.35 17.63
N ASP B 13 -7.55 -6.58 18.43
CA ASP B 13 -6.13 -6.40 18.22
C ASP B 13 -5.84 -5.70 16.88
N LEU B 14 -6.63 -4.68 16.52
CA LEU B 14 -6.60 -4.11 15.19
C LEU B 14 -5.46 -3.12 15.10
N TYR B 15 -5.34 -2.32 16.15
CA TYR B 15 -4.47 -1.16 16.16
C TYR B 15 -4.14 -0.83 17.60
N HIS B 16 -3.21 0.11 17.80
CA HIS B 16 -3.05 0.72 19.11
C HIS B 16 -2.45 2.10 18.88
N MET B 17 -2.56 2.95 19.92
CA MET B 17 -1.97 4.28 19.95
C MET B 17 -1.28 4.47 21.29
N GLN B 18 -0.32 5.39 21.28
CA GLN B 18 0.65 5.60 22.32
C GLN B 18 0.93 7.08 22.49
N GLU B 19 1.21 7.50 23.72
CA GLU B 19 1.54 8.88 24.03
C GLU B 19 2.74 9.37 23.20
N GLU B 20 3.74 8.50 22.87
CA GLU B 20 4.92 8.95 22.12
C GLU B 20 4.65 9.22 20.63
N ALA B 21 3.44 8.92 20.13
CA ALA B 21 2.97 9.39 18.84
C ALA B 21 1.50 9.78 18.93
N PRO B 22 1.16 10.94 19.52
CA PRO B 22 -0.24 11.36 19.67
C PRO B 22 -0.96 11.51 18.31
N GLY B 23 -2.14 10.89 18.23
CA GLY B 23 -2.94 10.82 17.01
C GLY B 23 -2.33 10.01 15.86
N MET B 24 -1.42 9.07 16.14
CA MET B 24 -0.79 8.30 15.08
C MET B 24 -1.01 6.82 15.35
N VAL B 25 -1.48 6.12 14.32
CA VAL B 25 -1.94 4.75 14.44
C VAL B 25 -0.75 3.82 14.20
N PHE B 26 -0.63 2.83 15.11
CA PHE B 26 0.09 1.57 14.92
C PHE B 26 -0.94 0.53 14.47
N TRP B 27 -0.93 0.17 13.19
CA TRP B 27 -1.81 -0.88 12.71
C TRP B 27 -1.20 -2.25 12.97
N HIS B 28 -1.87 -3.04 13.81
CA HIS B 28 -1.46 -4.41 14.01
C HIS B 28 -1.86 -5.23 12.80
N ASN B 29 -1.30 -6.43 12.70
CA ASN B 29 -1.54 -7.28 11.57
C ASN B 29 -3.02 -7.30 11.23
N ASP B 30 -3.88 -7.45 12.24
CA ASP B 30 -5.31 -7.63 12.00
C ASP B 30 -5.98 -6.38 11.48
N GLY B 31 -5.67 -5.21 12.06
CA GLY B 31 -6.22 -3.97 11.52
C GLY B 31 -5.63 -3.59 10.16
N TRP B 32 -4.35 -3.92 9.94
CA TRP B 32 -3.72 -3.70 8.64
C TRP B 32 -4.35 -4.57 7.55
N THR B 33 -4.79 -5.80 7.89
CA THR B 33 -5.56 -6.63 6.98
C THR B 33 -6.86 -5.98 6.51
N ILE B 34 -7.56 -5.28 7.42
CA ILE B 34 -8.79 -4.61 7.04
C ILE B 34 -8.45 -3.49 6.07
N PHE B 35 -7.50 -2.65 6.48
CA PHE B 35 -6.96 -1.56 5.68
C PHE B 35 -6.55 -2.03 4.28
N ARG B 36 -5.77 -3.09 4.18
CA ARG B 36 -5.34 -3.60 2.88
C ARG B 36 -6.53 -4.13 2.08
N GLU B 37 -7.52 -4.75 2.75
CA GLU B 37 -8.73 -5.20 2.06
C GLU B 37 -9.54 -4.03 1.48
N LEU B 38 -9.62 -2.89 2.20
CA LEU B 38 -10.29 -1.69 1.68
C LEU B 38 -9.53 -1.09 0.50
N GLU B 39 -8.19 -1.04 0.56
CA GLU B 39 -7.36 -0.69 -0.58
C GLU B 39 -7.70 -1.52 -1.84
N VAL B 40 -7.69 -2.86 -1.72
CA VAL B 40 -8.05 -3.73 -2.83
C VAL B 40 -9.44 -3.40 -3.36
N PHE B 41 -10.41 -3.22 -2.47
CA PHE B 41 -11.75 -2.81 -2.88
C PHE B 41 -11.75 -1.50 -3.68
N VAL B 42 -11.16 -0.45 -3.10
CA VAL B 42 -11.02 0.82 -3.77
C VAL B 42 -10.29 0.63 -5.11
N ARG B 43 -9.17 -0.11 -5.17
CA ARG B 43 -8.51 -0.41 -6.45
C ARG B 43 -9.45 -1.05 -7.47
N SER B 44 -10.30 -2.00 -7.06
CA SER B 44 -11.27 -2.54 -8.01
C SER B 44 -12.15 -1.45 -8.63
N LYS B 45 -12.53 -0.42 -7.84
CA LYS B 45 -13.37 0.69 -8.31
C LYS B 45 -12.57 1.71 -9.12
N LEU B 46 -11.31 1.97 -8.76
CA LEU B 46 -10.42 2.82 -9.56
C LEU B 46 -10.32 2.28 -10.99
N LYS B 47 -9.98 0.98 -11.10
CA LYS B 47 -9.84 0.29 -12.38
C LYS B 47 -11.10 0.47 -13.22
N GLU B 48 -12.24 0.17 -12.61
CA GLU B 48 -13.54 0.28 -13.28
C GLU B 48 -13.79 1.71 -13.73
N TYR B 49 -13.52 2.69 -12.86
CA TYR B 49 -13.84 4.08 -13.17
C TYR B 49 -12.67 4.77 -13.88
N GLN B 50 -11.62 4.03 -14.23
CA GLN B 50 -10.53 4.51 -15.07
C GLN B 50 -9.72 5.64 -14.43
N TYR B 51 -9.06 5.34 -13.32
CA TYR B 51 -8.18 6.26 -12.61
C TYR B 51 -6.75 5.74 -12.69
N GLN B 52 -5.78 6.62 -12.89
CA GLN B 52 -4.40 6.30 -12.59
C GLN B 52 -4.25 6.16 -11.09
N GLU B 53 -3.23 5.40 -10.67
CA GLU B 53 -2.79 5.42 -9.30
C GLU B 53 -1.31 5.77 -9.23
N VAL B 54 -1.05 6.87 -8.49
CA VAL B 54 0.26 7.44 -8.35
C VAL B 54 0.66 7.47 -6.87
N LYS B 55 1.91 7.93 -6.62
CA LYS B 55 2.36 8.16 -5.27
C LYS B 55 3.27 9.37 -5.26
N GLY B 56 2.88 10.37 -4.46
CA GLY B 56 3.64 11.60 -4.33
C GLY B 56 4.51 11.53 -3.09
N PRO B 57 5.57 12.34 -2.93
CA PRO B 57 6.43 12.23 -1.75
C PRO B 57 5.80 12.85 -0.52
N PHE B 58 6.32 12.48 0.68
CA PHE B 58 5.82 12.95 1.97
C PHE B 58 6.16 14.43 2.18
N MET B 59 7.31 14.85 1.66
CA MET B 59 7.88 16.17 1.88
C MET B 59 8.05 16.91 0.55
N MET B 60 7.67 18.19 0.53
CA MET B 60 8.06 19.13 -0.51
C MET B 60 8.42 20.49 0.10
N ASP B 61 9.31 21.22 -0.60
CA ASP B 61 9.82 22.51 -0.15
C ASP B 61 8.63 23.39 0.23
N ARG B 62 8.84 24.22 1.26
CA ARG B 62 7.83 25.15 1.74
C ARG B 62 7.53 26.23 0.70
N VAL B 63 8.48 26.50 -0.20
CA VAL B 63 8.24 27.42 -1.28
C VAL B 63 7.01 26.97 -2.09
N LEU B 64 6.91 25.67 -2.42
CA LEU B 64 5.75 25.11 -3.13
C LEU B 64 4.43 25.28 -2.34
N TRP B 65 4.44 25.06 -1.02
CA TRP B 65 3.25 25.19 -0.20
C TRP B 65 2.83 26.66 -0.05
N GLU B 66 3.78 27.59 -0.08
CA GLU B 66 3.45 29.01 -0.07
C GLU B 66 2.68 29.41 -1.34
N LYS B 67 3.05 28.84 -2.51
CA LYS B 67 2.36 29.03 -3.79
C LYS B 67 0.91 28.54 -3.77
N THR B 68 0.59 27.49 -3.01
CA THR B 68 -0.75 26.94 -2.99
C THR B 68 -1.72 27.85 -2.22
N GLY B 69 -1.17 28.85 -1.50
CA GLY B 69 -1.89 29.57 -0.46
C GLY B 69 -2.00 28.79 0.85
N HIS B 70 -1.19 27.73 1.03
CA HIS B 70 -1.23 26.83 2.21
C HIS B 70 -0.49 27.37 3.41
N TRP B 71 0.59 28.15 3.15
CA TRP B 71 1.34 28.78 4.21
C TRP B 71 0.46 29.77 4.97
N ASP B 72 -0.33 30.56 4.23
CA ASP B 72 -1.28 31.48 4.82
C ASP B 72 -2.38 30.73 5.59
N ASN B 73 -3.04 29.82 4.87
CA ASN B 73 -4.38 29.34 5.14
C ASN B 73 -4.38 28.05 5.96
N TYR B 74 -3.37 27.19 5.76
CA TYR B 74 -3.31 25.90 6.43
C TYR B 74 -2.08 25.90 7.34
N LYS B 75 -1.58 27.11 7.61
CA LYS B 75 -0.46 27.40 8.50
C LYS B 75 -0.29 26.37 9.61
N ASP B 76 -1.24 26.36 10.57
CA ASP B 76 -1.08 25.73 11.88
C ASP B 76 -1.04 24.21 11.84
N ALA B 77 -1.84 23.60 10.95
CA ALA B 77 -1.95 22.16 10.86
C ALA B 77 -0.69 21.50 10.28
N MET B 78 0.26 22.28 9.73
CA MET B 78 1.34 21.65 9.00
C MET B 78 2.53 21.35 9.90
N PHE B 79 3.07 20.16 9.68
CA PHE B 79 4.34 19.77 10.24
C PHE B 79 5.43 20.23 9.28
N THR B 80 6.51 20.83 9.79
CA THR B 80 7.65 21.20 8.96
C THR B 80 8.92 20.54 9.49
N THR B 81 9.94 20.54 8.65
CA THR B 81 11.20 19.86 8.92
C THR B 81 12.26 20.56 8.07
N SER B 82 13.55 20.26 8.29
CA SER B 82 14.62 20.99 7.62
C SER B 82 15.62 20.03 6.98
N SER B 83 16.29 20.49 5.92
CA SER B 83 17.47 19.83 5.39
C SER B 83 18.27 20.84 4.58
N GLU B 84 19.53 21.06 5.02
CA GLU B 84 20.50 21.86 4.28
C GLU B 84 19.95 23.27 4.13
N ASN B 85 19.54 23.84 5.26
CA ASN B 85 18.96 25.19 5.33
C ASN B 85 17.69 25.34 4.49
N ARG B 86 17.07 24.25 4.02
CA ARG B 86 15.79 24.32 3.32
C ARG B 86 14.69 23.69 4.17
N GLU B 87 13.47 24.24 4.07
CA GLU B 87 12.39 23.85 4.94
C GLU B 87 11.39 23.04 4.12
N TYR B 88 10.93 21.93 4.69
CA TYR B 88 10.01 21.05 4.00
C TYR B 88 8.72 21.01 4.82
N CYS B 89 7.60 20.91 4.12
CA CYS B 89 6.33 20.65 4.77
C CYS B 89 6.02 19.18 4.53
N ILE B 90 5.70 18.45 5.61
CA ILE B 90 5.09 17.14 5.46
C ILE B 90 3.67 17.37 4.94
N LYS B 91 3.32 16.63 3.89
CA LYS B 91 2.15 16.99 3.12
C LYS B 91 0.88 16.78 3.96
N PRO B 92 0.01 17.81 4.09
CA PRO B 92 -1.32 17.68 4.68
C PRO B 92 -2.37 17.24 3.66
N MET B 93 -1.96 17.24 2.37
CA MET B 93 -2.83 17.02 1.22
CA MET B 93 -2.84 16.97 1.24
C MET B 93 -2.01 16.46 0.07
N ASN B 94 -2.67 15.70 -0.82
CA ASN B 94 -2.02 15.00 -1.94
C ASN B 94 -2.11 15.83 -3.21
N CYS B 95 -2.94 16.90 -3.22
CA CYS B 95 -3.30 17.61 -4.44
C CYS B 95 -2.06 18.23 -5.08
N PRO B 96 -1.24 19.05 -4.38
CA PRO B 96 -0.07 19.69 -5.02
C PRO B 96 0.92 18.71 -5.65
N GLY B 97 1.10 17.55 -5.02
CA GLY B 97 1.95 16.52 -5.56
C GLY B 97 1.39 15.88 -6.81
N HIS B 98 0.07 15.70 -6.88
CA HIS B 98 -0.59 15.27 -8.11
C HIS B 98 -0.38 16.27 -9.24
N VAL B 99 -0.41 17.56 -8.91
CA VAL B 99 -0.25 18.59 -9.92
C VAL B 99 1.19 18.53 -10.44
N GLN B 100 2.16 18.22 -9.57
CA GLN B 100 3.55 18.16 -9.97
C GLN B 100 3.73 17.07 -11.02
N ILE B 101 3.10 15.90 -10.80
CA ILE B 101 3.07 14.79 -11.77
C ILE B 101 2.37 15.22 -13.08
N PHE B 102 1.18 15.86 -12.99
CA PHE B 102 0.46 16.35 -14.16
C PHE B 102 1.31 17.29 -15.02
N ASN B 103 2.18 18.11 -14.39
CA ASN B 103 3.03 19.11 -15.02
C ASN B 103 4.30 18.54 -15.66
N GLN B 104 4.55 17.24 -15.52
CA GLN B 104 5.53 16.52 -16.34
C GLN B 104 4.89 16.16 -17.67
N GLY B 105 5.67 16.29 -18.74
CA GLY B 105 5.13 16.07 -20.06
C GLY B 105 4.17 17.19 -20.46
N LEU B 106 4.02 17.36 -21.77
CA LEU B 106 3.05 18.28 -22.33
C LEU B 106 1.69 17.61 -22.27
N LYS B 107 0.67 18.34 -21.79
CA LYS B 107 -0.68 17.81 -21.75
C LYS B 107 -1.55 18.51 -22.80
N SER B 108 -2.47 17.74 -23.39
CA SER B 108 -3.50 18.27 -24.27
C SER B 108 -4.88 17.89 -23.71
N TYR B 109 -5.91 18.54 -24.24
CA TYR B 109 -7.31 18.27 -23.99
C TYR B 109 -7.66 16.80 -24.28
N ARG B 110 -6.82 16.07 -25.06
CA ARG B 110 -7.02 14.66 -25.30
C ARG B 110 -6.69 13.80 -24.07
N ASP B 111 -5.85 14.34 -23.18
CA ASP B 111 -5.49 13.66 -21.95
C ASP B 111 -6.61 13.80 -20.93
N LEU B 112 -7.51 14.77 -21.10
CA LEU B 112 -8.52 15.08 -20.09
C LEU B 112 -9.85 14.42 -20.41
N PRO B 113 -10.65 13.94 -19.42
CA PRO B 113 -10.34 14.10 -18.00
C PRO B 113 -9.25 13.11 -17.58
N LEU B 114 -8.28 13.65 -16.83
CA LEU B 114 -7.20 12.84 -16.29
C LEU B 114 -7.49 12.62 -14.81
N ARG B 115 -7.85 11.37 -14.47
CA ARG B 115 -8.16 10.99 -13.10
C ARG B 115 -6.95 10.35 -12.41
N MET B 116 -6.43 11.05 -11.41
CA MET B 116 -5.22 10.61 -10.72
C MET B 116 -5.52 10.30 -9.25
N ALA B 117 -5.61 9.00 -8.90
CA ALA B 117 -5.83 8.53 -7.53
C ALA B 117 -4.52 8.30 -6.80
N GLU B 118 -4.61 8.27 -5.47
CA GLU B 118 -3.48 7.98 -4.62
C GLU B 118 -4.04 7.61 -3.27
N PHE B 119 -3.46 6.56 -2.62
CA PHE B 119 -3.64 6.34 -1.19
C PHE B 119 -2.60 7.18 -0.46
N GLY B 120 -3.02 8.40 -0.15
CA GLY B 120 -2.11 9.49 0.10
C GLY B 120 -2.09 9.81 1.57
N SER B 121 -0.94 9.52 2.17
CA SER B 121 -0.67 9.71 3.58
C SER B 121 -0.48 11.18 3.90
N CYS B 122 -1.48 11.71 4.65
CA CYS B 122 -1.49 13.10 5.06
C CYS B 122 -1.14 13.19 6.54
N HIS B 123 -0.43 14.26 6.91
CA HIS B 123 -0.18 14.61 8.29
C HIS B 123 -0.70 16.03 8.52
N ARG B 124 -1.56 16.12 9.54
CA ARG B 124 -2.21 17.34 9.97
C ARG B 124 -2.09 17.44 11.49
N ASN B 125 -1.47 18.54 11.95
CA ASN B 125 -1.20 18.83 13.34
C ASN B 125 -2.48 19.27 14.06
N GLU B 126 -3.52 18.42 14.04
CA GLU B 126 -4.78 18.67 14.73
C GLU B 126 -4.51 18.96 16.23
N PRO B 127 -5.17 19.95 16.89
CA PRO B 127 -5.07 20.10 18.35
C PRO B 127 -5.31 18.78 19.08
N SER B 128 -4.47 18.46 20.08
CA SER B 128 -4.58 17.20 20.79
C SER B 128 -5.94 17.03 21.50
N GLY B 129 -6.61 18.13 21.87
CA GLY B 129 -7.94 18.05 22.45
C GLY B 129 -8.98 17.55 21.45
N SER B 130 -8.75 17.84 20.17
CA SER B 130 -9.69 17.45 19.14
C SER B 130 -9.55 15.98 18.70
N LEU B 131 -8.46 15.28 19.07
CA LEU B 131 -8.18 13.96 18.54
C LEU B 131 -9.18 12.99 19.13
N HIS B 132 -9.64 12.04 18.33
CA HIS B 132 -10.59 11.07 18.83
C HIS B 132 -10.39 9.73 18.09
N GLY B 133 -9.74 8.78 18.74
CA GLY B 133 -9.62 7.44 18.18
C GLY B 133 -8.95 7.45 16.81
N LEU B 134 -9.52 6.61 15.92
CA LEU B 134 -9.23 6.53 14.49
C LEU B 134 -9.92 7.62 13.67
N MET B 135 -10.87 8.34 14.26
CA MET B 135 -11.77 9.22 13.52
C MET B 135 -11.06 10.53 13.25
N ARG B 136 -10.42 11.13 14.28
CA ARG B 136 -9.64 12.34 14.10
C ARG B 136 -8.20 12.09 14.52
N VAL B 137 -7.32 11.94 13.51
CA VAL B 137 -5.92 11.60 13.72
C VAL B 137 -5.02 12.67 13.12
N ARG B 138 -3.76 12.64 13.53
CA ARG B 138 -2.76 13.54 12.95
C ARG B 138 -2.13 12.96 11.69
N GLY B 139 -2.16 11.64 11.53
CA GLY B 139 -1.61 10.98 10.37
C GLY B 139 -2.62 9.97 9.81
N PHE B 140 -3.00 10.16 8.55
CA PHE B 140 -4.03 9.29 7.98
C PHE B 140 -3.75 9.13 6.50
N THR B 141 -4.48 8.21 5.87
CA THR B 141 -4.39 7.92 4.46
C THR B 141 -5.77 8.10 3.83
N GLN B 142 -5.85 9.01 2.85
CA GLN B 142 -7.05 9.25 2.08
C GLN B 142 -7.05 8.34 0.86
N ASP B 143 -8.23 7.84 0.53
CA ASP B 143 -8.44 7.24 -0.77
C ASP B 143 -8.73 8.42 -1.71
N ASP B 144 -7.64 9.17 -1.99
CA ASP B 144 -7.67 10.48 -2.60
C ASP B 144 -7.60 10.30 -4.11
N ALA B 145 -8.09 11.33 -4.82
CA ALA B 145 -7.82 11.54 -6.22
C ALA B 145 -8.11 12.97 -6.61
N HIS B 146 -7.39 13.39 -7.64
CA HIS B 146 -7.66 14.65 -8.28
C HIS B 146 -7.93 14.33 -9.73
N ILE B 147 -9.06 14.87 -10.21
CA ILE B 147 -9.44 14.76 -11.60
C ILE B 147 -9.12 16.09 -12.28
N PHE B 148 -8.33 16.01 -13.37
CA PHE B 148 -7.98 17.17 -14.16
C PHE B 148 -8.87 17.18 -15.41
N CYS B 149 -9.68 18.24 -15.55
CA CYS B 149 -10.70 18.26 -16.58
C CYS B 149 -10.90 19.69 -17.13
N THR B 150 -11.74 19.75 -18.17
CA THR B 150 -12.17 21.01 -18.75
C THR B 150 -13.42 21.47 -17.99
N GLU B 151 -13.88 22.69 -18.30
CA GLU B 151 -15.11 23.20 -17.70
C GLU B 151 -16.33 22.44 -18.25
N GLU B 152 -16.23 21.91 -19.48
CA GLU B 152 -17.30 21.12 -20.11
C GLU B 152 -17.49 19.77 -19.43
N GLN B 153 -16.42 19.25 -18.83
CA GLN B 153 -16.38 17.90 -18.30
C GLN B 153 -16.77 17.85 -16.82
N ILE B 154 -16.84 19.02 -16.16
CA ILE B 154 -17.12 19.15 -14.73
C ILE B 154 -18.41 18.45 -14.31
N ARG B 155 -19.52 18.67 -15.00
CA ARG B 155 -20.79 18.04 -14.63
C ARG B 155 -20.58 16.52 -14.61
N ASP B 156 -19.96 15.98 -15.66
CA ASP B 156 -19.88 14.54 -15.83
C ASP B 156 -18.94 13.93 -14.78
N GLU B 157 -17.86 14.66 -14.44
CA GLU B 157 -16.83 14.17 -13.54
C GLU B 157 -17.30 14.29 -12.10
N VAL B 158 -17.99 15.38 -11.75
CA VAL B 158 -18.60 15.53 -10.44
C VAL B 158 -19.68 14.45 -10.27
N ASN B 159 -20.51 14.24 -11.29
CA ASN B 159 -21.50 13.17 -11.25
C ASN B 159 -20.82 11.82 -11.06
N GLY B 160 -19.67 11.56 -11.72
CA GLY B 160 -18.94 10.31 -11.59
C GLY B 160 -18.49 10.02 -10.16
N CYS B 161 -18.08 11.07 -9.44
CA CYS B 161 -17.62 10.99 -8.07
C CYS B 161 -18.79 10.70 -7.13
N ILE B 162 -19.96 11.29 -7.43
CA ILE B 162 -21.15 11.04 -6.63
C ILE B 162 -21.60 9.60 -6.85
N ARG B 163 -21.61 9.15 -8.12
CA ARG B 163 -21.99 7.79 -8.43
C ARG B 163 -21.09 6.84 -7.64
N LEU B 164 -19.79 7.18 -7.54
CA LEU B 164 -18.79 6.28 -6.97
C LEU B 164 -18.97 6.15 -5.46
N VAL B 165 -19.16 7.29 -4.77
CA VAL B 165 -19.59 7.32 -3.37
C VAL B 165 -20.74 6.36 -3.11
N TYR B 166 -21.89 6.50 -3.78
CA TYR B 166 -23.03 5.62 -3.49
C TYR B 166 -22.79 4.16 -3.90
N ASP B 167 -22.04 3.95 -4.97
CA ASP B 167 -21.56 2.64 -5.39
C ASP B 167 -20.81 1.93 -4.24
N MET B 168 -19.81 2.59 -3.66
CA MET B 168 -18.94 1.96 -2.68
C MET B 168 -19.64 1.89 -1.33
N TYR B 169 -20.35 2.94 -0.95
CA TYR B 169 -21.08 2.94 0.30
C TYR B 169 -22.16 1.86 0.31
N SER B 170 -22.78 1.52 -0.84
CA SER B 170 -23.76 0.44 -0.82
C SER B 170 -23.16 -0.92 -0.46
N THR B 171 -21.86 -1.16 -0.71
CA THR B 171 -21.19 -2.37 -0.27
C THR B 171 -21.28 -2.55 1.25
N PHE B 172 -21.16 -1.46 2.01
CA PHE B 172 -21.20 -1.46 3.47
C PHE B 172 -22.62 -1.32 3.99
N GLY B 173 -23.56 -1.03 3.08
CA GLY B 173 -24.98 -1.06 3.37
C GLY B 173 -25.38 0.12 4.24
N PHE B 174 -24.79 1.30 3.97
CA PHE B 174 -25.02 2.47 4.80
C PHE B 174 -26.41 3.05 4.55
N GLU B 175 -27.09 3.39 5.67
CA GLU B 175 -28.46 3.91 5.65
C GLU B 175 -28.50 5.41 5.84
N LYS B 176 -27.79 5.91 6.88
CA LYS B 176 -27.71 7.34 7.17
C LYS B 176 -26.47 7.96 6.50
N ILE B 177 -26.65 8.32 5.20
CA ILE B 177 -25.74 9.20 4.47
C ILE B 177 -26.39 10.57 4.39
N VAL B 178 -25.95 11.49 5.27
CA VAL B 178 -26.37 12.87 5.26
C VAL B 178 -25.37 13.67 4.44
N VAL B 179 -25.88 14.39 3.42
CA VAL B 179 -25.06 15.16 2.50
C VAL B 179 -25.08 16.63 2.91
N LYS B 180 -23.91 17.26 2.82
CA LYS B 180 -23.73 18.68 3.10
C LYS B 180 -22.99 19.32 1.93
N LEU B 181 -23.25 20.61 1.73
CA LEU B 181 -22.48 21.45 0.82
C LEU B 181 -21.83 22.51 1.68
N SER B 182 -20.52 22.37 1.80
CA SER B 182 -19.68 23.20 2.64
C SER B 182 -19.18 24.39 1.84
N THR B 183 -19.57 25.61 2.23
CA THR B 183 -19.38 26.80 1.41
C THR B 183 -18.17 27.61 1.91
N ARG B 184 -17.86 28.68 1.17
CA ARG B 184 -16.60 29.41 1.27
C ARG B 184 -16.26 29.75 2.73
N PRO B 185 -15.02 29.46 3.18
CA PRO B 185 -14.60 29.81 4.55
C PRO B 185 -14.13 31.26 4.56
N GLU B 186 -13.91 31.83 5.73
CA GLU B 186 -13.41 33.21 5.77
C GLU B 186 -12.06 33.31 5.06
N LYS B 187 -11.15 32.36 5.33
CA LYS B 187 -9.82 32.36 4.73
C LYS B 187 -9.81 31.36 3.58
N ARG B 188 -9.62 31.95 2.38
CA ARG B 188 -9.78 31.25 1.12
C ARG B 188 -8.94 31.89 0.03
N ILE B 189 -8.63 31.10 -0.98
CA ILE B 189 -8.13 31.60 -2.25
C ILE B 189 -9.24 31.50 -3.30
N GLY B 190 -9.13 32.34 -4.32
CA GLY B 190 -10.05 32.35 -5.44
C GLY B 190 -10.98 33.54 -5.34
N SER B 191 -11.54 33.93 -6.49
CA SER B 191 -12.45 35.05 -6.57
C SER B 191 -13.86 34.60 -6.18
N ASP B 192 -14.74 35.57 -5.94
CA ASP B 192 -16.10 35.23 -5.51
C ASP B 192 -16.82 34.50 -6.65
N GLU B 193 -16.48 34.87 -7.88
CA GLU B 193 -16.99 34.28 -9.10
C GLU B 193 -16.64 32.79 -9.15
N MET B 194 -15.37 32.47 -8.88
CA MET B 194 -14.91 31.09 -8.86
C MET B 194 -15.61 30.32 -7.73
N TRP B 195 -15.88 31.00 -6.61
CA TRP B 195 -16.56 30.33 -5.51
C TRP B 195 -18.04 30.09 -5.84
N ASP B 196 -18.69 31.08 -6.48
CA ASP B 196 -20.09 31.01 -6.85
C ASP B 196 -20.31 29.88 -7.85
N ARG B 197 -19.39 29.80 -8.85
CA ARG B 197 -19.39 28.78 -9.89
C ARG B 197 -19.15 27.41 -9.25
N ALA B 198 -18.17 27.36 -8.35
CA ALA B 198 -17.82 26.10 -7.67
C ALA B 198 -18.97 25.59 -6.81
N GLU B 199 -19.48 26.45 -5.92
CA GLU B 199 -20.59 26.12 -5.03
C GLU B 199 -21.86 25.77 -5.82
N ALA B 200 -22.10 26.47 -6.93
CA ALA B 200 -23.30 26.25 -7.74
C ALA B 200 -23.24 24.92 -8.49
N ASP B 201 -22.10 24.64 -9.12
CA ASP B 201 -21.85 23.41 -9.82
C ASP B 201 -22.01 22.21 -8.92
N LEU B 202 -21.52 22.31 -7.67
CA LEU B 202 -21.68 21.17 -6.75
C LEU B 202 -23.15 21.01 -6.36
N ALA B 203 -23.85 22.16 -6.16
CA ALA B 203 -25.25 22.17 -5.78
C ALA B 203 -26.13 21.58 -6.89
N VAL B 204 -25.85 21.94 -8.15
CA VAL B 204 -26.51 21.38 -9.33
C VAL B 204 -26.22 19.88 -9.46
N ALA B 205 -24.97 19.45 -9.27
CA ALA B 205 -24.67 18.02 -9.34
C ALA B 205 -25.57 17.24 -8.38
N LEU B 206 -25.65 17.72 -7.14
CA LEU B 206 -26.46 17.07 -6.12
C LEU B 206 -27.94 17.07 -6.53
N GLU B 207 -28.42 18.25 -6.96
CA GLU B 207 -29.80 18.44 -7.32
C GLU B 207 -30.19 17.50 -8.46
N GLU B 208 -29.31 17.40 -9.45
CA GLU B 208 -29.52 16.60 -10.63
C GLU B 208 -29.56 15.11 -10.28
N ASN B 209 -28.83 14.69 -9.24
CA ASN B 209 -28.80 13.31 -8.77
C ASN B 209 -29.91 13.05 -7.72
N ASN B 210 -30.76 14.04 -7.44
CA ASN B 210 -31.87 13.95 -6.49
C ASN B 210 -31.36 13.62 -5.10
N ILE B 211 -30.28 14.30 -4.72
CA ILE B 211 -29.68 14.14 -3.41
C ILE B 211 -30.15 15.35 -2.61
N PRO B 212 -30.91 15.13 -1.51
CA PRO B 212 -31.26 16.22 -0.60
C PRO B 212 -30.01 16.53 0.22
N PHE B 213 -29.73 17.82 0.44
CA PHE B 213 -28.58 18.24 1.23
C PHE B 213 -28.90 19.49 2.04
N GLU B 214 -27.90 19.98 2.75
CA GLU B 214 -28.01 21.19 3.54
C GLU B 214 -26.72 21.97 3.34
N TYR B 215 -26.80 23.28 3.32
CA TYR B 215 -25.58 24.07 3.28
C TYR B 215 -24.92 24.00 4.67
N GLN B 216 -23.59 23.99 4.66
CA GLN B 216 -22.81 24.12 5.87
C GLN B 216 -21.92 25.32 5.59
N LEU B 217 -22.30 26.44 6.19
CA LEU B 217 -21.76 27.74 5.84
C LEU B 217 -20.36 27.86 6.42
N GLY B 218 -19.40 28.29 5.61
CA GLY B 218 -18.06 28.57 6.08
C GLY B 218 -17.22 27.33 6.36
N GLU B 219 -17.63 26.15 5.87
CA GLU B 219 -16.97 24.90 6.18
C GLU B 219 -16.17 24.36 4.99
N GLY B 220 -16.20 25.04 3.86
CA GLY B 220 -15.39 24.58 2.74
C GLY B 220 -13.91 24.74 3.06
N ALA B 221 -13.05 24.11 2.25
CA ALA B 221 -11.61 24.29 2.33
C ALA B 221 -11.24 25.66 1.77
N PHE B 222 -10.05 26.16 2.14
CA PHE B 222 -9.54 27.42 1.61
C PHE B 222 -9.43 27.34 0.08
N TYR B 223 -9.25 26.12 -0.49
CA TYR B 223 -9.05 25.92 -1.93
C TYR B 223 -10.29 25.37 -2.61
N GLY B 224 -11.44 25.32 -1.92
CA GLY B 224 -12.67 24.92 -2.62
C GLY B 224 -13.77 24.43 -1.68
N PRO B 225 -15.05 24.55 -2.09
CA PRO B 225 -16.18 24.05 -1.30
C PRO B 225 -16.28 22.54 -1.44
N LYS B 226 -16.99 21.91 -0.50
CA LYS B 226 -17.08 20.46 -0.43
C LYS B 226 -18.52 19.94 -0.45
N ILE B 227 -18.79 18.89 -1.23
CA ILE B 227 -19.85 17.96 -0.87
C ILE B 227 -19.29 17.03 0.20
N GLU B 228 -19.98 16.92 1.35
CA GLU B 228 -19.55 15.99 2.38
C GLU B 228 -20.63 14.92 2.51
N PHE B 229 -20.18 13.67 2.38
CA PHE B 229 -21.01 12.54 2.71
C PHE B 229 -20.73 12.15 4.15
N THR B 230 -21.72 12.42 5.00
CA THR B 230 -21.59 12.35 6.44
C THR B 230 -22.06 10.99 6.92
N LEU B 231 -21.28 10.36 7.78
CA LEU B 231 -21.66 9.11 8.42
C LEU B 231 -21.61 9.32 9.92
N TYR B 232 -22.27 8.45 10.67
CA TYR B 232 -22.53 8.68 12.08
C TYR B 232 -21.98 7.50 12.88
N ASP B 233 -21.35 7.81 14.00
CA ASP B 233 -20.79 6.81 14.88
C ASP B 233 -21.89 6.32 15.84
N CYS B 234 -21.49 5.54 16.86
CA CYS B 234 -22.36 4.96 17.87
C CYS B 234 -23.20 6.01 18.62
N LEU B 235 -22.58 7.12 19.06
CA LEU B 235 -23.26 8.25 19.68
C LEU B 235 -23.94 9.19 18.67
N ASP B 236 -24.14 8.71 17.44
CA ASP B 236 -24.78 9.48 16.39
C ASP B 236 -24.09 10.82 16.18
N ARG B 237 -22.76 10.94 16.41
CA ARG B 237 -22.00 12.11 15.96
C ARG B 237 -21.65 12.02 14.47
N ALA B 238 -21.60 13.17 13.79
CA ALA B 238 -21.47 13.25 12.34
C ALA B 238 -19.99 13.28 11.97
N TRP B 239 -19.57 12.43 11.05
CA TRP B 239 -18.19 12.46 10.58
C TRP B 239 -18.16 12.57 9.06
N GLN B 240 -17.51 13.64 8.58
CA GLN B 240 -17.25 13.83 7.15
C GLN B 240 -16.41 12.67 6.66
N CYS B 241 -16.95 11.91 5.72
CA CYS B 241 -16.21 10.84 5.09
C CYS B 241 -15.98 11.19 3.62
N GLY B 242 -16.86 10.69 2.75
CA GLY B 242 -16.84 11.06 1.33
C GLY B 242 -16.81 12.57 1.14
N THR B 243 -15.96 13.02 0.22
CA THR B 243 -15.64 14.42 0.07
C THR B 243 -15.43 14.72 -1.41
N VAL B 244 -16.18 15.69 -1.98
CA VAL B 244 -16.02 16.09 -3.39
C VAL B 244 -15.88 17.60 -3.41
N GLN B 245 -14.74 18.07 -3.95
CA GLN B 245 -14.46 19.50 -4.04
C GLN B 245 -14.13 19.90 -5.48
N LEU B 246 -14.44 21.17 -5.77
CA LEU B 246 -14.25 21.81 -7.05
C LEU B 246 -13.30 22.99 -6.82
N ASP B 247 -12.26 23.03 -7.65
CA ASP B 247 -11.09 23.86 -7.42
C ASP B 247 -10.61 24.44 -8.75
N PHE B 248 -10.88 25.73 -8.95
CA PHE B 248 -10.40 26.54 -10.06
C PHE B 248 -9.16 27.37 -9.70
N SER B 249 -8.56 27.17 -8.53
CA SER B 249 -7.51 28.07 -8.03
C SER B 249 -6.16 27.36 -7.94
N LEU B 250 -6.09 26.11 -7.44
CA LEU B 250 -4.81 25.46 -7.22
C LEU B 250 -4.10 25.20 -8.54
N PRO B 251 -4.75 24.61 -9.59
CA PRO B 251 -4.09 24.37 -10.87
C PRO B 251 -3.30 25.57 -11.39
N SER B 252 -3.90 26.76 -11.24
CA SER B 252 -3.34 28.02 -11.71
C SER B 252 -2.15 28.49 -10.87
N ARG B 253 -2.25 28.33 -9.55
CA ARG B 253 -1.19 28.71 -8.65
C ARG B 253 0.05 27.84 -8.86
N LEU B 254 -0.18 26.63 -9.38
CA LEU B 254 0.89 25.66 -9.54
C LEU B 254 1.22 25.47 -11.02
N SER B 255 0.77 26.42 -11.86
CA SER B 255 1.16 26.49 -13.26
C SER B 255 0.74 25.26 -14.04
N ALA B 256 -0.44 24.70 -13.71
CA ALA B 256 -1.00 23.63 -14.54
C ALA B 256 -1.60 24.26 -15.80
N SER B 257 -1.30 23.64 -16.93
CA SER B 257 -1.95 23.94 -18.19
C SER B 257 -1.95 22.74 -19.12
N TYR B 258 -2.78 22.82 -20.16
CA TYR B 258 -2.81 21.86 -21.22
C TYR B 258 -3.16 22.60 -22.51
N VAL B 259 -2.79 22.00 -23.64
CA VAL B 259 -3.00 22.60 -24.94
C VAL B 259 -4.46 22.37 -25.31
N GLY B 260 -5.20 23.48 -25.37
CA GLY B 260 -6.60 23.43 -25.76
C GLY B 260 -6.73 22.94 -27.19
N GLU B 261 -7.98 22.67 -27.57
CA GLU B 261 -8.36 22.24 -28.89
C GLU B 261 -8.28 23.42 -29.86
N ASP B 262 -8.63 24.60 -29.32
CA ASP B 262 -8.42 25.91 -29.93
C ASP B 262 -6.94 26.17 -30.18
N ASN B 263 -6.09 25.27 -29.64
CA ASN B 263 -4.64 25.37 -29.64
C ASN B 263 -4.10 26.38 -28.63
N GLU B 264 -5.01 27.02 -27.85
CA GLU B 264 -4.64 27.87 -26.73
C GLU B 264 -4.16 27.02 -25.54
N ARG B 265 -3.28 27.61 -24.74
CA ARG B 265 -2.89 27.06 -23.45
C ARG B 265 -4.07 27.29 -22.50
N LYS B 266 -4.40 26.29 -21.66
CA LYS B 266 -5.54 26.37 -20.75
C LYS B 266 -5.24 25.74 -19.39
N VAL B 267 -5.74 26.39 -18.33
CA VAL B 267 -5.65 25.84 -16.99
C VAL B 267 -6.74 24.80 -16.81
N PRO B 268 -6.41 23.57 -16.34
CA PRO B 268 -7.44 22.55 -16.12
C PRO B 268 -8.18 22.97 -14.85
N VAL B 269 -9.42 22.48 -14.76
CA VAL B 269 -10.19 22.45 -13.52
C VAL B 269 -9.71 21.25 -12.71
N MET B 270 -9.62 21.38 -11.37
CA MET B 270 -9.29 20.24 -10.54
C MET B 270 -10.48 19.89 -9.64
N ILE B 271 -10.96 18.65 -9.79
CA ILE B 271 -11.89 18.03 -8.86
C ILE B 271 -11.09 17.24 -7.82
N HIS B 272 -11.38 17.48 -6.54
CA HIS B 272 -10.84 16.69 -5.44
C HIS B 272 -11.91 15.76 -4.95
N ARG B 273 -11.58 14.49 -4.78
CA ARG B 273 -12.49 13.64 -4.04
C ARG B 273 -11.71 12.59 -3.25
N ALA B 274 -12.21 12.33 -2.05
CA ALA B 274 -11.92 11.13 -1.27
C ALA B 274 -13.26 10.42 -1.05
N ILE B 275 -13.36 9.13 -1.42
CA ILE B 275 -14.61 8.38 -1.35
C ILE B 275 -14.87 7.86 0.07
N LEU B 276 -13.90 7.13 0.67
CA LEU B 276 -14.04 6.67 2.04
C LEU B 276 -13.68 7.80 3.02
N GLY B 277 -12.81 8.70 2.56
CA GLY B 277 -12.43 9.87 3.33
C GLY B 277 -10.97 9.72 3.72
N SER B 278 -10.78 9.12 4.90
CA SER B 278 -9.53 8.46 5.26
C SER B 278 -9.86 7.02 5.64
N MET B 279 -8.88 6.14 5.46
CA MET B 279 -8.99 4.73 5.83
C MET B 279 -9.19 4.60 7.33
N GLU B 280 -8.44 5.41 8.11
CA GLU B 280 -8.52 5.45 9.56
C GLU B 280 -9.95 5.76 10.00
N ARG B 281 -10.56 6.84 9.45
CA ARG B 281 -11.88 7.26 9.88
C ARG B 281 -12.96 6.27 9.44
N PHE B 282 -12.87 5.81 8.18
CA PHE B 282 -13.78 4.82 7.64
C PHE B 282 -13.74 3.54 8.47
N ILE B 283 -12.53 3.08 8.85
CA ILE B 283 -12.40 1.87 9.64
C ILE B 283 -13.02 2.06 11.05
N GLY B 284 -12.85 3.24 11.67
CA GLY B 284 -13.54 3.53 12.93
C GLY B 284 -15.06 3.52 12.73
N ILE B 285 -15.55 4.11 11.64
CA ILE B 285 -16.96 4.13 11.34
C ILE B 285 -17.49 2.71 11.16
N LEU B 286 -16.83 1.90 10.29
CA LEU B 286 -17.23 0.51 10.05
C LEU B 286 -17.18 -0.31 11.33
N THR B 287 -16.19 -0.06 12.18
CA THR B 287 -16.05 -0.86 13.38
C THR B 287 -17.31 -0.69 14.24
N GLU B 288 -17.71 0.57 14.44
CA GLU B 288 -18.85 0.90 15.29
C GLU B 288 -20.15 0.52 14.56
N GLU B 289 -20.21 0.79 13.26
CA GLU B 289 -21.36 0.42 12.44
C GLU B 289 -21.67 -1.07 12.57
N PHE B 290 -20.67 -1.95 12.41
CA PHE B 290 -20.88 -3.38 12.49
C PHE B 290 -20.65 -3.94 13.90
N ALA B 291 -20.24 -3.08 14.84
CA ALA B 291 -19.86 -3.49 16.20
C ALA B 291 -18.83 -4.62 16.16
N GLY B 292 -17.89 -4.56 15.21
CA GLY B 292 -16.82 -5.55 15.11
C GLY B 292 -17.16 -6.76 14.24
N PHE B 293 -18.44 -6.98 13.93
CA PHE B 293 -18.85 -8.07 13.05
C PHE B 293 -18.63 -7.62 11.58
N PHE B 294 -17.35 -7.43 11.20
CA PHE B 294 -16.96 -7.11 9.86
C PHE B 294 -17.53 -8.18 8.92
N PRO B 295 -18.03 -7.80 7.74
CA PRO B 295 -18.38 -8.78 6.73
C PRO B 295 -17.19 -9.69 6.45
N THR B 296 -17.46 -10.87 5.89
CA THR B 296 -16.44 -11.90 5.82
C THR B 296 -15.20 -11.41 5.05
N TRP B 297 -15.44 -10.70 3.94
CA TRP B 297 -14.39 -10.21 3.06
C TRP B 297 -13.41 -9.31 3.84
N LEU B 298 -13.90 -8.62 4.91
CA LEU B 298 -13.12 -7.62 5.66
C LEU B 298 -12.49 -8.20 6.92
N ALA B 299 -13.00 -9.34 7.39
CA ALA B 299 -12.65 -9.86 8.70
C ALA B 299 -11.17 -10.23 8.70
N PRO B 300 -10.36 -9.79 9.71
CA PRO B 300 -8.96 -10.18 9.81
C PRO B 300 -8.73 -11.69 9.78
N VAL B 301 -9.46 -12.46 10.63
CA VAL B 301 -9.52 -13.90 10.53
C VAL B 301 -10.95 -14.25 10.17
N GLN B 302 -11.09 -14.94 9.04
CA GLN B 302 -12.37 -15.22 8.42
C GLN B 302 -12.92 -16.54 8.96
N VAL B 303 -12.01 -17.48 9.27
CA VAL B 303 -12.34 -18.84 9.71
C VAL B 303 -11.35 -19.31 10.77
N VAL B 304 -11.84 -20.02 11.81
CA VAL B 304 -11.01 -20.68 12.81
C VAL B 304 -11.44 -22.13 12.90
N ILE B 305 -10.47 -23.04 12.74
CA ILE B 305 -10.70 -24.47 12.78
C ILE B 305 -10.14 -25.02 14.09
N MET B 306 -10.99 -25.68 14.89
CA MET B 306 -10.62 -26.08 16.25
C MET B 306 -10.90 -27.58 16.42
N ASN B 307 -10.00 -28.28 17.11
CA ASN B 307 -10.23 -29.69 17.47
C ASN B 307 -11.07 -29.77 18.75
N ILE B 308 -11.70 -30.95 18.98
CA ILE B 308 -12.22 -31.29 20.31
C ILE B 308 -11.04 -31.80 21.15
N THR B 309 -10.48 -32.94 20.72
CA THR B 309 -9.40 -33.59 21.45
C THR B 309 -8.11 -33.49 20.66
N ASP B 310 -7.02 -33.91 21.31
CA ASP B 310 -5.71 -33.96 20.69
C ASP B 310 -5.74 -34.87 19.46
N SER B 311 -6.77 -35.75 19.41
CA SER B 311 -7.04 -36.68 18.33
C SER B 311 -6.98 -36.00 16.96
N GLN B 312 -7.86 -35.00 16.75
CA GLN B 312 -8.13 -34.45 15.44
C GLN B 312 -7.20 -33.28 15.13
N SER B 313 -6.09 -33.13 15.85
CA SER B 313 -5.11 -32.08 15.55
C SER B 313 -4.67 -32.12 14.09
N GLU B 314 -4.27 -33.29 13.60
CA GLU B 314 -3.68 -33.40 12.26
C GLU B 314 -4.71 -33.03 11.19
N TYR B 315 -5.98 -33.37 11.42
CA TYR B 315 -7.07 -33.06 10.49
C TYR B 315 -7.32 -31.55 10.39
N VAL B 316 -7.41 -30.87 11.55
CA VAL B 316 -7.51 -29.42 11.65
C VAL B 316 -6.36 -28.78 10.87
N ASN B 317 -5.12 -29.26 11.08
CA ASN B 317 -3.93 -28.68 10.46
C ASN B 317 -3.91 -28.87 8.95
N GLU B 318 -4.49 -29.93 8.40
CA GLU B 318 -4.55 -30.07 6.93
C GLU B 318 -5.68 -29.22 6.34
N LEU B 319 -6.81 -29.17 7.04
CA LEU B 319 -7.93 -28.33 6.67
C LEU B 319 -7.51 -26.86 6.69
N THR B 320 -6.71 -26.47 7.70
CA THR B 320 -6.19 -25.11 7.82
C THR B 320 -5.29 -24.77 6.63
N GLN B 321 -4.47 -25.74 6.20
CA GLN B 321 -3.60 -25.65 5.03
C GLN B 321 -4.42 -25.49 3.74
N LYS B 322 -5.47 -26.32 3.61
CA LYS B 322 -6.31 -26.35 2.42
C LYS B 322 -7.13 -25.06 2.26
N LEU B 323 -7.65 -24.53 3.37
CA LEU B 323 -8.39 -23.27 3.34
C LEU B 323 -7.43 -22.11 3.03
N SER B 324 -6.26 -22.16 3.67
CA SER B 324 -5.21 -21.20 3.39
C SER B 324 -4.80 -21.21 1.93
N ASN B 325 -4.70 -22.41 1.33
CA ASN B 325 -4.36 -22.51 -0.09
C ASN B 325 -5.47 -21.93 -0.94
N ALA B 326 -6.74 -22.06 -0.49
CA ALA B 326 -7.91 -21.61 -1.22
C ALA B 326 -8.15 -20.12 -1.01
N GLY B 327 -7.19 -19.43 -0.37
CA GLY B 327 -7.15 -17.99 -0.30
C GLY B 327 -7.94 -17.43 0.88
N ILE B 328 -8.25 -18.25 1.88
CA ILE B 328 -9.06 -17.87 3.04
C ILE B 328 -8.13 -17.59 4.22
N ARG B 329 -8.41 -16.49 4.94
CA ARG B 329 -7.71 -16.16 6.16
C ARG B 329 -8.20 -17.03 7.32
N VAL B 330 -7.43 -18.09 7.66
CA VAL B 330 -7.88 -19.21 8.49
C VAL B 330 -6.82 -19.46 9.56
N LYS B 331 -7.24 -19.79 10.80
CA LYS B 331 -6.34 -20.22 11.85
C LYS B 331 -6.83 -21.53 12.44
N ALA B 332 -5.90 -22.35 12.95
CA ALA B 332 -6.22 -23.53 13.74
C ALA B 332 -6.24 -23.17 15.22
N ASP B 333 -7.19 -23.69 15.99
CA ASP B 333 -7.15 -23.51 17.44
C ASP B 333 -7.13 -24.89 18.09
N LEU B 334 -5.91 -25.31 18.44
CA LEU B 334 -5.62 -26.65 18.93
C LEU B 334 -5.34 -26.58 20.42
N ARG B 335 -5.65 -25.44 21.04
CA ARG B 335 -5.47 -25.30 22.47
C ARG B 335 -6.29 -26.37 23.19
N ASN B 336 -5.83 -26.74 24.39
CA ASN B 336 -6.47 -27.75 25.20
C ASN B 336 -7.56 -27.09 26.05
N GLU B 337 -8.72 -26.88 25.41
CA GLU B 337 -9.85 -26.15 25.97
C GLU B 337 -11.12 -26.78 25.42
N LYS B 338 -12.24 -26.69 26.15
CA LYS B 338 -13.46 -27.28 25.63
C LYS B 338 -14.00 -26.41 24.49
N ILE B 339 -14.89 -26.98 23.69
CA ILE B 339 -15.30 -26.30 22.47
C ILE B 339 -15.97 -24.96 22.80
N GLY B 340 -16.90 -24.93 23.76
CA GLY B 340 -17.67 -23.72 24.05
C GLY B 340 -16.78 -22.59 24.51
N PHE B 341 -15.66 -22.94 25.15
CA PHE B 341 -14.67 -21.96 25.58
C PHE B 341 -14.01 -21.28 24.39
N LYS B 342 -13.70 -22.06 23.35
CA LYS B 342 -13.02 -21.57 22.16
C LYS B 342 -13.98 -20.72 21.30
N ILE B 343 -15.24 -21.19 21.16
CA ILE B 343 -16.28 -20.54 20.40
C ILE B 343 -16.55 -19.16 21.01
N ARG B 344 -16.53 -19.09 22.33
CA ARG B 344 -16.79 -17.82 23.00
C ARG B 344 -15.64 -16.84 22.73
N GLU B 345 -14.42 -17.37 22.66
CA GLU B 345 -13.27 -16.50 22.45
C GLU B 345 -13.21 -15.96 21.02
N HIS B 346 -13.55 -16.79 20.02
CA HIS B 346 -13.50 -16.42 18.61
C HIS B 346 -14.74 -15.60 18.21
N THR B 347 -15.82 -15.71 18.99
CA THR B 347 -16.97 -14.80 18.95
C THR B 347 -16.60 -13.42 19.48
N LEU B 348 -15.85 -13.33 20.59
CA LEU B 348 -15.27 -12.05 21.03
C LEU B 348 -14.33 -11.49 19.95
N ARG B 349 -13.64 -12.37 19.22
CA ARG B 349 -12.75 -11.89 18.17
C ARG B 349 -13.51 -11.70 16.86
N ARG B 350 -14.80 -12.03 16.84
CA ARG B 350 -15.70 -11.68 15.75
C ARG B 350 -15.38 -12.47 14.48
N VAL B 351 -14.88 -13.71 14.68
CA VAL B 351 -14.50 -14.59 13.58
C VAL B 351 -15.78 -15.09 12.91
N PRO B 352 -16.03 -14.74 11.63
CA PRO B 352 -17.25 -15.19 10.94
C PRO B 352 -17.67 -16.65 11.18
N TYR B 353 -16.76 -17.58 10.86
CA TYR B 353 -17.06 -19.00 10.86
C TYR B 353 -16.03 -19.76 11.69
N MET B 354 -16.58 -20.67 12.52
CA MET B 354 -15.85 -21.53 13.42
C MET B 354 -16.18 -22.97 13.02
N LEU B 355 -15.14 -23.68 12.56
CA LEU B 355 -15.28 -25.02 12.02
C LEU B 355 -14.84 -26.03 13.08
N VAL B 356 -15.81 -26.72 13.71
CA VAL B 356 -15.49 -27.65 14.78
C VAL B 356 -15.23 -29.03 14.16
N CYS B 357 -14.20 -29.70 14.70
CA CYS B 357 -13.75 -31.02 14.27
C CYS B 357 -13.63 -31.98 15.46
N GLY B 358 -14.62 -32.87 15.57
CA GLY B 358 -14.48 -34.10 16.32
C GLY B 358 -14.21 -35.27 15.37
N ASP B 359 -14.22 -36.49 15.92
CA ASP B 359 -13.89 -37.70 15.17
C ASP B 359 -14.97 -37.99 14.12
N LYS B 360 -16.19 -37.47 14.31
CA LYS B 360 -17.25 -37.62 13.34
C LYS B 360 -16.99 -36.79 12.07
N GLU B 361 -16.29 -35.65 12.24
CA GLU B 361 -15.88 -34.78 11.15
C GLU B 361 -14.61 -35.29 10.48
N VAL B 362 -13.71 -35.91 11.26
CA VAL B 362 -12.49 -36.53 10.73
C VAL B 362 -12.89 -37.66 9.78
N GLU B 363 -13.72 -38.61 10.25
CA GLU B 363 -14.17 -39.73 9.44
C GLU B 363 -14.89 -39.25 8.18
N SER B 364 -15.67 -38.18 8.31
CA SER B 364 -16.66 -37.85 7.32
C SER B 364 -16.11 -36.96 6.19
N GLY B 365 -14.92 -36.39 6.39
CA GLY B 365 -14.41 -35.38 5.48
C GLY B 365 -15.23 -34.09 5.53
N LYS B 366 -15.81 -33.80 6.70
CA LYS B 366 -16.75 -32.70 6.86
C LYS B 366 -16.32 -31.79 8.01
N VAL B 367 -17.18 -30.84 8.38
CA VAL B 367 -16.82 -29.88 9.39
C VAL B 367 -18.13 -29.42 10.05
N ALA B 368 -18.10 -28.97 11.31
CA ALA B 368 -19.29 -28.40 11.93
C ALA B 368 -19.18 -26.88 11.98
N VAL B 369 -20.11 -26.19 11.29
CA VAL B 369 -20.04 -24.76 11.10
C VAL B 369 -20.91 -24.06 12.16
N ARG B 370 -20.25 -23.26 13.00
CA ARG B 370 -20.86 -22.31 13.91
C ARG B 370 -20.45 -20.91 13.45
N THR B 371 -21.26 -19.90 13.79
CA THR B 371 -20.97 -18.52 13.42
C THR B 371 -20.80 -17.66 14.66
N ARG B 372 -20.22 -16.48 14.47
CA ARG B 372 -19.99 -15.55 15.55
C ARG B 372 -21.31 -14.91 16.01
N ARG B 373 -22.44 -15.29 15.39
CA ARG B 373 -23.76 -14.81 15.79
C ARG B 373 -24.49 -15.83 16.67
N GLY B 374 -23.74 -16.79 17.22
CA GLY B 374 -24.28 -17.77 18.15
C GLY B 374 -25.05 -18.90 17.47
N LYS B 375 -24.96 -18.98 16.14
CA LYS B 375 -25.80 -19.88 15.36
C LYS B 375 -24.98 -21.07 14.87
N ASP B 376 -25.69 -22.16 14.57
CA ASP B 376 -25.09 -23.44 14.23
C ASP B 376 -25.62 -23.86 12.87
N LEU B 377 -24.76 -23.96 11.87
CA LEU B 377 -25.22 -24.30 10.53
C LEU B 377 -24.96 -25.78 10.27
N GLY B 378 -24.84 -26.56 11.35
CA GLY B 378 -24.65 -28.00 11.21
C GLY B 378 -23.33 -28.35 10.51
N SER B 379 -23.31 -29.50 9.84
CA SER B 379 -22.11 -30.07 9.25
C SER B 379 -22.19 -29.99 7.72
N MET B 380 -21.06 -29.79 7.04
CA MET B 380 -21.06 -29.65 5.58
C MET B 380 -19.71 -30.03 4.99
N ASP B 381 -19.73 -30.50 3.74
CA ASP B 381 -18.54 -30.95 3.05
C ASP B 381 -17.55 -29.78 2.98
N VAL B 382 -16.26 -30.06 3.20
CA VAL B 382 -15.23 -29.01 3.30
C VAL B 382 -15.20 -28.16 2.04
N ASN B 383 -15.33 -28.78 0.87
CA ASN B 383 -15.22 -28.08 -0.41
C ASN B 383 -16.46 -27.22 -0.63
N GLU B 384 -17.58 -27.58 -0.01
CA GLU B 384 -18.78 -26.76 -0.08
C GLU B 384 -18.61 -25.49 0.74
N VAL B 385 -17.96 -25.61 1.91
CA VAL B 385 -17.69 -24.50 2.81
C VAL B 385 -16.70 -23.55 2.13
N ILE B 386 -15.62 -24.08 1.54
CA ILE B 386 -14.62 -23.30 0.82
C ILE B 386 -15.27 -22.50 -0.31
N GLU B 387 -16.18 -23.12 -1.09
CA GLU B 387 -16.77 -22.49 -2.27
C GLU B 387 -17.73 -21.38 -1.86
N LYS B 388 -18.56 -21.66 -0.83
CA LYS B 388 -19.49 -20.69 -0.29
C LYS B 388 -18.76 -19.55 0.43
N LEU B 389 -17.59 -19.82 1.01
CA LEU B 389 -16.76 -18.76 1.61
C LEU B 389 -16.20 -17.85 0.53
N GLN B 390 -15.51 -18.44 -0.46
CA GLN B 390 -14.96 -17.71 -1.59
C GLN B 390 -16.02 -16.88 -2.31
N GLN B 391 -17.22 -17.43 -2.48
CA GLN B 391 -18.34 -16.69 -3.07
C GLN B 391 -18.75 -15.51 -2.19
N GLU B 392 -18.82 -15.69 -0.88
CA GLU B 392 -19.16 -14.63 0.06
C GLU B 392 -18.02 -13.60 0.20
N ILE B 393 -16.77 -14.01 -0.10
CA ILE B 393 -15.63 -13.11 -0.10
C ILE B 393 -15.56 -12.32 -1.43
N ARG B 394 -15.66 -13.02 -2.57
CA ARG B 394 -15.65 -12.45 -3.91
C ARG B 394 -16.74 -11.40 -4.09
N SER B 395 -17.97 -11.75 -3.68
CA SER B 395 -19.13 -10.87 -3.76
C SER B 395 -19.11 -9.72 -2.74
N ARG B 396 -18.18 -9.74 -1.78
CA ARG B 396 -18.17 -8.81 -0.65
C ARG B 396 -19.55 -8.71 0.02
N SER B 397 -20.19 -9.86 0.17
CA SER B 397 -21.52 -9.93 0.73
C SER B 397 -21.51 -9.45 2.19
N LEU B 398 -22.48 -8.58 2.53
CA LEU B 398 -22.78 -8.23 3.93
C LEU B 398 -23.27 -9.41 4.77
N LYS B 399 -23.98 -10.37 4.14
CA LYS B 399 -24.66 -11.44 4.87
C LYS B 399 -23.81 -12.71 4.89
N GLN B 400 -23.82 -13.38 6.05
CA GLN B 400 -23.23 -14.70 6.23
C GLN B 400 -24.15 -15.78 5.63
N LEU B 401 -23.72 -17.04 5.82
CA LEU B 401 -24.51 -18.24 5.59
C LEU B 401 -25.68 -18.22 6.60
N GLU B 402 -26.91 -18.19 6.07
CA GLU B 402 -28.12 -17.81 6.78
C GLU B 402 -28.21 -16.30 6.95
N GLU B 403 -27.48 -15.76 7.95
CA GLU B 403 -27.58 -14.37 8.39
C GLU B 403 -27.46 -13.43 7.18
N1 W0U C . 18.86 -1.48 7.44
N3 W0U C . 19.13 3.51 2.67
C4 W0U C . 17.73 -1.13 8.11
C5 W0U C . 18.39 -1.69 4.41
C6 W0U C . 18.16 -1.42 2.96
C7 W0U C . 17.75 0.34 1.51
C8 W0U C . 18.81 -0.59 0.89
C10 W0U C . 18.85 2.24 2.78
C13 W0U C . 18.62 5.08 0.72
C1 W0U C . 16.40 -3.60 7.20
C2 W0U C . 16.53 -3.41 8.70
C3 W0U C . 17.24 -2.12 9.16
P1 W0U C . 19.76 -0.55 6.37
O1 W0U C . 19.95 0.89 6.79
O2 W0U C . 18.83 -0.47 5.08
O3 W0U C . 17.43 -0.18 2.79
C9 W0U C . 19.39 -1.20 2.13
O4 W0U C . 19.88 0.10 0.27
N2 W0U C . 18.20 1.73 1.68
C11 W0U C . 18.08 2.77 0.79
C12 W0U C . 18.65 3.85 1.41
N4 W0U C . 19.12 6.21 1.22
N5 W0U C . 18.07 5.07 -0.51
C14 W0U C . 17.56 3.93 -1.01
N6 W0U C . 17.53 2.74 -0.45
O5 W0U C . 20.96 -1.40 5.93
O6 W0U C . 17.18 -0.04 8.01
N7 W0U C . 16.37 -1.39 10.12
O7 W0U C . 15.31 -3.35 9.44
S DMS D . 24.70 -5.71 19.34
O DMS D . 23.59 -6.52 19.96
C1 DMS D . 23.94 -4.51 18.31
C2 DMS D . 25.39 -6.72 18.05
ZN ZN E . 15.46 -2.71 11.43
C1 EDO F . 2.08 1.62 1.39
O1 EDO F . 2.90 0.91 0.46
C2 EDO F . 0.85 2.24 0.79
O2 EDO F . -0.38 1.84 1.37
N1 W0U G . -10.10 17.19 1.63
N3 W0U G . -8.85 15.13 8.22
C4 W0U G . -8.86 17.11 1.11
C5 W0U G . -10.86 14.72 3.03
C6 W0U G . -11.15 13.57 3.91
C7 W0U G . -10.40 12.75 5.93
C8 W0U G . -11.93 12.82 6.00
C10 W0U G . -9.45 14.80 7.10
C13 W0U G . -8.28 13.64 10.23
C1 W0U G . -9.92 15.01 -0.58
C2 W0U G . -9.33 16.19 -1.31
C3 W0U G . -8.75 17.30 -0.41
P1 W0U G . -10.49 17.26 3.29
O1 W0U G . -9.57 18.19 4.07
O2 W0U G . -10.27 15.77 3.83
O3 W0U G . -9.97 13.30 4.70
C9 W0U G . -12.24 13.83 4.92
O4 W0U G . -12.42 13.29 7.23
N2 W0U G . -9.74 13.45 7.02
C11 W0U G . -9.32 12.90 8.21
C12 W0U G . -8.78 13.96 8.95
N4 W0U G . -7.65 14.51 11.02
N5 W0U G . -8.37 12.36 10.63
C14 W0U G . -8.89 11.45 9.80
N6 W0U G . -9.39 11.62 8.58
O5 W0U G . -12.00 17.37 3.44
O6 W0U G . -7.83 16.96 1.78
N7 W0U G . -7.33 17.55 -0.77
O7 W0U G . -8.30 15.88 -2.27
S DMS H . -12.07 28.66 -5.93
O DMS H . -11.16 28.33 -4.78
C1 DMS H . -13.50 27.60 -5.76
C2 DMS H . -11.38 27.81 -7.25
C1 EDO I . 0.10 6.35 7.62
O1 EDO I . 0.54 7.20 8.67
C2 EDO I . -1.37 6.06 7.73
O2 EDO I . -1.65 4.69 7.57
ZN ZN J . -7.11 17.51 -2.84
#